data_5WE0
#
_entry.id   5WE0
#
_cell.length_a   56.720
_cell.length_b   82.010
_cell.length_c   103.510
_cell.angle_alpha   89.99
_cell.angle_beta   89.98
_cell.angle_gamma   73.96
#
_symmetry.space_group_name_H-M   'P 1'
#
loop_
_entity.id
_entity.type
_entity.pdbx_description
1 polymer 'Protection of telomeres protein poz1'
2 polymer 'Protection of telomeres protein tpz1'
3 polymer 'DNA-binding protein rap1'
4 non-polymer 'ZINC ION'
5 water water
#
loop_
_entity_poly.entity_id
_entity_poly.type
_entity_poly.pdbx_seq_one_letter_code
_entity_poly.pdbx_strand_id
1 'polypeptide(L)'
;SNEKIRSQSVLNTLETFFIKENHYDMQREESSIVNACLRYLGYSKSMCHEKMPIFMDIAFIEYCFNLSLDPSSFQNLPIT
QTQPDSQQILWEYSLISNALERLENIELERQNCMREDGLSKYTNSLLLNKETLNNEALKLYSCAKAGICRWMAFHFLEQE
PIDHINFTKFLQDWGSHNEKEMEALQRLSKHKIRKRLIYVSQHKKKMPWSKFNSVLSRYIQCTKLQLEVFCDYDFKQREI
VKMLTSNIN
;
A,D,G,J
2 'polypeptide(L)' SEACEMCRLGLPHGSFFELLRDWKKIEEFRNKS B,E,H,K
3 'polypeptide(L)' SDNIFVKPGEDLEIPLLSDYSDSENISEKS C,F,I,L
#
loop_
_chem_comp.id
_chem_comp.type
_chem_comp.name
_chem_comp.formula
ZN non-polymer 'ZINC ION' 'Zn 2'
#
# COMPACT_ATOMS: atom_id res chain seq x y z
N SER A 1 6.65 30.41 25.85
CA SER A 1 7.24 29.36 26.67
C SER A 1 6.98 28.01 26.02
N ASN A 2 8.03 27.22 25.81
CA ASN A 2 7.81 25.88 25.27
C ASN A 2 7.13 24.98 26.29
N GLU A 3 7.40 25.17 27.60
CA GLU A 3 6.67 24.41 28.60
C GLU A 3 5.17 24.66 28.50
N LYS A 4 4.77 25.91 28.22
CA LYS A 4 3.36 26.21 28.02
C LYS A 4 2.81 25.51 26.79
N ILE A 5 3.58 25.46 25.70
CA ILE A 5 3.11 24.75 24.52
C ILE A 5 2.99 23.25 24.81
N ARG A 6 3.93 22.69 25.57
CA ARG A 6 3.81 21.29 25.96
C ARG A 6 2.59 21.04 26.84
N SER A 7 2.35 21.92 27.81
CA SER A 7 1.20 21.78 28.70
C SER A 7 -0.12 21.85 27.93
N GLN A 8 -0.23 22.80 27.00
CA GLN A 8 -1.45 22.88 26.19
C GLN A 8 -1.66 21.62 25.38
N SER A 9 -0.58 21.04 24.86
CA SER A 9 -0.70 19.80 24.14
C SER A 9 -1.13 18.66 25.07
N VAL A 10 -0.60 18.62 26.30
CA VAL A 10 -1.07 17.63 27.27
C VAL A 10 -2.58 17.80 27.52
N LEU A 11 -3.05 19.06 27.62
CA LEU A 11 -4.48 19.31 27.77
C LEU A 11 -5.29 18.76 26.61
N ASN A 12 -4.79 18.96 25.38
CA ASN A 12 -5.48 18.43 24.21
C ASN A 12 -5.54 16.91 24.22
N THR A 13 -4.48 16.26 24.68
CA THR A 13 -4.54 14.81 24.84
C THR A 13 -5.58 14.39 25.88
N LEU A 14 -5.62 15.08 27.02
CA LEU A 14 -6.62 14.72 28.05
C LEU A 14 -8.04 14.86 27.51
N GLU A 15 -8.28 15.88 26.66
CA GLU A 15 -9.59 16.08 26.05
C GLU A 15 -10.09 14.82 25.36
N THR A 16 -9.22 14.16 24.61
CA THR A 16 -9.64 12.96 23.90
C THR A 16 -9.87 11.79 24.83
N PHE A 17 -9.34 11.86 26.06
CA PHE A 17 -9.67 10.81 27.02
C PHE A 17 -10.87 11.22 27.88
N PHE A 18 -11.04 12.50 28.13
CA PHE A 18 -12.01 12.92 29.15
C PHE A 18 -13.40 13.18 28.61
N ILE A 19 -13.51 13.80 27.43
CA ILE A 19 -14.81 14.22 26.92
C ILE A 19 -15.59 13.01 26.45
N LYS A 20 -16.78 12.84 27.01
CA LYS A 20 -17.65 11.70 26.73
C LYS A 20 -19.04 12.18 26.34
N GLU A 21 -19.72 11.37 25.52
CA GLU A 21 -21.15 11.55 25.30
C GLU A 21 -21.92 11.40 26.59
N ASN A 22 -21.63 10.33 27.33
CA ASN A 22 -22.13 10.15 28.68
C ASN A 22 -21.05 10.57 29.67
N HIS A 23 -20.90 9.86 30.79
CA HIS A 23 -20.02 10.31 31.85
C HIS A 23 -18.68 9.60 31.81
N TYR A 24 -17.62 10.35 32.09
CA TYR A 24 -16.29 9.77 32.15
C TYR A 24 -16.14 8.83 33.34
N ASP A 25 -15.33 7.80 33.15
CA ASP A 25 -14.88 6.96 34.26
C ASP A 25 -13.47 6.47 33.92
N MET A 26 -12.62 6.33 34.94
CA MET A 26 -11.26 5.91 34.65
C MET A 26 -11.23 4.43 34.34
N GLN A 27 -10.67 4.08 33.20
CA GLN A 27 -10.42 2.69 32.86
C GLN A 27 -9.01 2.35 33.29
N ARG A 28 -8.86 1.17 33.89
CA ARG A 28 -7.53 0.69 34.31
C ARG A 28 -6.51 0.83 33.20
N GLU A 29 -6.94 0.61 31.94
CA GLU A 29 -6.02 0.62 30.80
C GLU A 29 -5.60 2.03 30.40
N GLU A 30 -6.37 3.05 30.77
CA GLU A 30 -6.02 4.44 30.50
C GLU A 30 -5.32 5.10 31.68
N SER A 31 -5.24 4.39 32.81
CA SER A 31 -4.78 4.99 34.06
C SER A 31 -3.38 5.59 33.95
N SER A 32 -2.45 4.89 33.29
CA SER A 32 -1.07 5.38 33.26
C SER A 32 -0.96 6.67 32.43
N ILE A 33 -1.60 6.73 31.26
CA ILE A 33 -1.50 7.94 30.43
C ILE A 33 -2.23 9.11 31.10
N VAL A 34 -3.45 8.87 31.58
CA VAL A 34 -4.22 9.94 32.25
C VAL A 34 -3.44 10.48 33.45
N ASN A 35 -2.96 9.59 34.32
CA ASN A 35 -2.22 10.01 35.51
C ASN A 35 -0.94 10.76 35.17
N ALA A 36 -0.17 10.26 34.19
CA ALA A 36 1.04 10.96 33.77
C ALA A 36 0.71 12.35 33.23
N CYS A 37 -0.40 12.49 32.49
CA CYS A 37 -0.83 13.81 32.01
C CYS A 37 -1.19 14.74 33.15
N LEU A 38 -2.04 14.26 34.09
CA LEU A 38 -2.44 15.09 35.22
C LEU A 38 -1.24 15.52 36.04
N ARG A 39 -0.32 14.58 36.29
CA ARG A 39 0.87 14.92 37.07
C ARG A 39 1.72 15.94 36.35
N TYR A 40 1.90 15.79 35.04
CA TYR A 40 2.69 16.77 34.30
C TYR A 40 2.09 18.16 34.44
N LEU A 41 0.77 18.29 34.23
CA LEU A 41 0.14 19.59 34.40
C LEU A 41 0.22 20.07 35.84
N GLY A 42 0.13 19.14 36.80
CA GLY A 42 0.11 19.50 38.21
C GLY A 42 1.41 20.08 38.72
N TYR A 43 2.55 19.71 38.09
CA TYR A 43 3.86 20.24 38.45
C TYR A 43 4.42 21.21 37.42
N SER A 44 3.66 21.55 36.39
CA SER A 44 4.10 22.48 35.36
C SER A 44 4.04 23.90 35.90
N LYS A 45 5.21 24.54 36.03
CA LYS A 45 5.25 25.89 36.57
C LYS A 45 4.46 26.90 35.73
N SER A 46 4.26 26.65 34.44
CA SER A 46 3.54 27.64 33.64
C SER A 46 2.02 27.47 33.72
N MET A 47 1.52 26.42 34.36
CA MET A 47 0.08 26.23 34.49
C MET A 47 -0.47 26.67 35.85
N CYS A 48 0.40 27.15 36.75
CA CYS A 48 -0.03 27.40 38.12
C CYS A 48 -1.16 28.41 38.20
N HIS A 49 -1.19 29.40 37.31
CA HIS A 49 -2.23 30.42 37.31
C HIS A 49 -3.04 30.43 36.03
N GLU A 50 -2.98 29.34 35.28
CA GLU A 50 -3.84 29.22 34.11
C GLU A 50 -5.22 28.78 34.56
N LYS A 51 -6.21 29.12 33.77
CA LYS A 51 -7.59 28.70 34.05
C LYS A 51 -7.77 27.23 33.71
N MET A 52 -8.45 26.52 34.59
CA MET A 52 -8.80 25.13 34.34
C MET A 52 -9.85 25.08 33.24
N PRO A 53 -9.61 24.38 32.12
CA PRO A 53 -10.65 24.23 31.10
C PRO A 53 -11.87 23.52 31.68
N ILE A 54 -13.06 23.90 31.20
CA ILE A 54 -14.27 23.40 31.82
C ILE A 54 -14.41 21.89 31.65
N PHE A 55 -13.87 21.32 30.55
CA PHE A 55 -13.99 19.88 30.35
C PHE A 55 -13.26 19.11 31.46
N MET A 56 -12.22 19.72 32.06
CA MET A 56 -11.50 19.08 33.15
C MET A 56 -12.32 19.05 34.44
N ASP A 57 -12.95 20.18 34.80
CA ASP A 57 -13.84 20.19 35.97
C ASP A 57 -14.99 19.20 35.82
N ILE A 58 -15.56 19.11 34.61
CA ILE A 58 -16.67 18.19 34.37
C ILE A 58 -16.24 16.76 34.57
N ALA A 59 -15.07 16.41 34.02
CA ALA A 59 -14.55 15.06 34.19
C ALA A 59 -14.26 14.76 35.65
N PHE A 60 -13.73 15.74 36.38
CA PHE A 60 -13.50 15.54 37.81
C PHE A 60 -14.81 15.24 38.52
N ILE A 61 -15.85 16.03 38.24
CA ILE A 61 -17.14 15.81 38.89
C ILE A 61 -17.70 14.43 38.54
N GLU A 62 -17.63 14.05 37.26
CA GLU A 62 -18.11 12.73 36.87
C GLU A 62 -17.31 11.62 37.57
N TYR A 63 -15.99 11.79 37.71
CA TYR A 63 -15.16 10.78 38.35
C TYR A 63 -15.39 10.76 39.85
N CYS A 64 -15.33 11.94 40.48
CA CYS A 64 -15.49 12.07 41.93
C CYS A 64 -16.79 11.45 42.43
N PHE A 65 -17.91 11.72 41.77
CA PHE A 65 -19.20 11.21 42.21
C PHE A 65 -19.61 9.97 41.45
N ASN A 66 -18.73 9.43 40.61
CA ASN A 66 -18.95 8.13 39.96
C ASN A 66 -20.26 8.16 39.16
N LEU A 67 -20.45 9.25 38.41
CA LEU A 67 -21.71 9.46 37.69
C LEU A 67 -21.98 8.39 36.62
N SER A 68 -20.95 7.65 36.20
CA SER A 68 -21.14 6.55 35.25
C SER A 68 -22.03 5.44 35.79
N LEU A 69 -22.19 5.32 37.11
CA LEU A 69 -22.97 4.27 37.74
C LEU A 69 -24.42 4.67 38.07
N ASP A 70 -25.26 3.65 38.16
CA ASP A 70 -26.54 3.73 38.87
C ASP A 70 -26.80 2.41 39.59
N PRO A 71 -26.23 2.23 40.82
CA PRO A 71 -26.50 1.05 41.66
C PRO A 71 -27.93 0.93 42.15
N SER A 86 -24.33 2.66 46.63
CA SER A 86 -22.93 2.70 47.06
C SER A 86 -21.97 2.79 45.87
N GLN A 87 -21.64 4.04 45.50
CA GLN A 87 -20.82 4.34 44.33
C GLN A 87 -19.39 4.69 44.68
N GLN A 88 -18.94 4.31 45.88
CA GLN A 88 -17.57 4.59 46.30
C GLN A 88 -17.24 6.08 46.12
N ILE A 89 -18.05 6.93 46.74
CA ILE A 89 -17.72 8.34 46.88
C ILE A 89 -16.89 8.51 48.15
N LEU A 90 -15.78 9.24 48.02
CA LEU A 90 -14.91 9.57 49.13
C LEU A 90 -15.43 10.87 49.78
N TRP A 91 -16.19 10.73 50.86
CA TRP A 91 -16.66 11.89 51.60
C TRP A 91 -15.52 12.31 52.52
N GLU A 92 -14.66 13.16 52.00
CA GLU A 92 -13.61 13.76 52.79
C GLU A 92 -13.76 15.26 52.60
N TYR A 93 -13.69 16.01 53.71
CA TYR A 93 -14.04 17.43 53.71
C TYR A 93 -13.29 18.21 52.63
N SER A 94 -11.96 18.01 52.56
CA SER A 94 -11.15 18.80 51.65
C SER A 94 -11.51 18.50 50.19
N LEU A 95 -11.64 17.21 49.84
CA LEU A 95 -11.99 16.81 48.49
C LEU A 95 -13.37 17.35 48.10
N ILE A 96 -14.37 17.15 48.96
CA ILE A 96 -15.72 17.57 48.62
C ILE A 96 -15.82 19.09 48.53
N SER A 97 -15.09 19.81 49.36
CA SER A 97 -15.06 21.25 49.25
C SER A 97 -14.48 21.69 47.90
N ASN A 98 -13.41 21.02 47.44
CA ASN A 98 -12.85 21.32 46.13
C ASN A 98 -13.83 20.97 45.02
N ALA A 99 -14.52 19.83 45.16
CA ALA A 99 -15.52 19.44 44.17
C ALA A 99 -16.62 20.49 44.05
N LEU A 100 -17.06 21.07 45.18
CA LEU A 100 -18.12 22.08 45.13
C LEU A 100 -17.62 23.35 44.46
N GLU A 101 -16.37 23.70 44.68
CA GLU A 101 -15.82 24.85 44.01
C GLU A 101 -15.74 24.60 42.51
N ARG A 102 -15.39 23.36 42.14
CA ARG A 102 -15.31 22.98 40.73
C ARG A 102 -16.71 23.03 40.11
N LEU A 103 -17.70 22.50 40.83
CA LEU A 103 -19.07 22.52 40.33
C LEU A 103 -19.54 23.95 40.13
N GLU A 104 -19.17 24.83 41.04
CA GLU A 104 -19.52 26.24 40.91
C GLU A 104 -18.84 26.89 39.71
N ASN A 105 -17.57 26.55 39.44
CA ASN A 105 -16.92 27.07 38.23
C ASN A 105 -17.67 26.63 36.98
N ILE A 106 -18.10 25.36 36.94
CA ILE A 106 -18.88 24.87 35.80
C ILE A 106 -20.14 25.71 35.63
N GLU A 107 -20.88 25.89 36.73
CA GLU A 107 -22.14 26.61 36.65
C GLU A 107 -21.89 28.06 36.22
N LEU A 108 -20.81 28.64 36.72
CA LEU A 108 -20.46 30.02 36.38
C LEU A 108 -20.26 30.13 34.87
N GLU A 109 -19.49 29.20 34.32
CA GLU A 109 -19.21 29.16 32.90
C GLU A 109 -20.47 28.86 32.07
N ARG A 110 -21.31 27.93 32.54
CA ARG A 110 -22.57 27.69 31.84
C ARG A 110 -23.41 28.97 31.78
N GLN A 111 -23.50 29.68 32.91
CA GLN A 111 -24.28 30.92 32.94
C GLN A 111 -23.77 31.93 31.91
N ASN A 112 -22.44 32.13 31.84
CA ASN A 112 -21.91 33.06 30.83
C ASN A 112 -22.26 32.62 29.42
N CYS A 113 -22.13 31.32 29.13
CA CYS A 113 -22.53 30.85 27.80
C CYS A 113 -23.95 31.27 27.47
N MET A 114 -24.88 31.13 28.40
CA MET A 114 -26.27 31.44 28.06
C MET A 114 -26.47 32.93 27.80
N ARG A 115 -25.68 33.78 28.47
CA ARG A 115 -25.83 35.22 28.38
C ARG A 115 -25.22 35.82 27.11
N GLU A 116 -24.40 35.10 26.35
CA GLU A 116 -23.88 35.65 25.09
C GLU A 116 -24.64 35.10 23.87
N LEU A 127 -33.58 24.85 17.76
CA LEU A 127 -33.68 23.50 18.34
C LEU A 127 -33.82 23.43 19.87
N LEU A 128 -33.26 24.42 20.58
CA LEU A 128 -33.40 24.50 22.03
C LEU A 128 -33.75 25.93 22.43
N ASN A 129 -34.55 26.05 23.48
CA ASN A 129 -34.95 27.34 24.04
C ASN A 129 -34.04 27.68 25.21
N LYS A 130 -33.43 28.87 25.15
CA LYS A 130 -32.47 29.30 26.18
C LYS A 130 -33.13 29.40 27.56
N GLU A 131 -34.33 29.98 27.63
CA GLU A 131 -34.95 30.23 28.92
C GLU A 131 -35.29 28.93 29.64
N THR A 132 -35.72 27.92 28.88
CA THR A 132 -36.06 26.62 29.45
C THR A 132 -34.83 25.90 29.94
N LEU A 133 -33.78 25.87 29.11
CA LEU A 133 -32.55 25.16 29.44
C LEU A 133 -31.84 25.80 30.62
N ASN A 134 -31.80 27.13 30.67
CA ASN A 134 -31.14 27.80 31.79
C ASN A 134 -31.87 27.47 33.10
N ASN A 135 -33.20 27.51 33.07
CA ASN A 135 -34.02 27.22 34.24
C ASN A 135 -33.86 25.77 34.71
N GLU A 136 -33.79 24.83 33.78
CA GLU A 136 -33.59 23.43 34.14
C GLU A 136 -32.23 23.22 34.79
N ALA A 137 -31.18 23.75 34.18
CA ALA A 137 -29.84 23.63 34.76
C ALA A 137 -29.78 24.26 36.15
N LEU A 138 -30.39 25.43 36.32
CA LEU A 138 -30.34 26.10 37.62
C LEU A 138 -31.03 25.28 38.68
N LYS A 139 -32.15 24.64 38.34
CA LYS A 139 -32.88 23.85 39.33
C LYS A 139 -32.10 22.59 39.69
N LEU A 140 -31.56 21.91 38.68
CA LEU A 140 -30.71 20.74 38.92
C LEU A 140 -29.46 21.11 39.71
N TYR A 141 -28.84 22.24 39.36
CA TYR A 141 -27.61 22.65 40.06
C TYR A 141 -27.87 22.84 41.54
N SER A 142 -28.92 23.58 41.84
CA SER A 142 -29.25 23.91 43.21
C SER A 142 -29.60 22.65 44.02
N CYS A 143 -30.34 21.71 43.41
CA CYS A 143 -30.63 20.45 44.07
C CYS A 143 -29.34 19.63 44.28
N ALA A 144 -28.53 19.48 43.24
CA ALA A 144 -27.29 18.72 43.36
C ALA A 144 -26.37 19.32 44.42
N LYS A 145 -26.21 20.64 44.42
CA LYS A 145 -25.32 21.26 45.37
C LYS A 145 -25.79 21.04 46.81
N ALA A 146 -27.10 21.20 47.06
CA ALA A 146 -27.61 21.00 48.41
C ALA A 146 -27.45 19.56 48.85
N GLY A 147 -27.63 18.61 47.93
CA GLY A 147 -27.45 17.21 48.27
C GLY A 147 -26.02 16.88 48.66
N ILE A 148 -25.05 17.42 47.91
CA ILE A 148 -23.64 17.18 48.22
C ILE A 148 -23.29 17.73 49.59
N CYS A 149 -23.71 18.99 49.87
CA CYS A 149 -23.42 19.61 51.18
C CYS A 149 -24.06 18.85 52.32
N ARG A 150 -25.29 18.41 52.13
CA ARG A 150 -26.00 17.68 53.17
C ARG A 150 -25.32 16.33 53.44
N TRP A 151 -24.92 15.62 52.39
CA TRP A 151 -24.29 14.32 52.62
C TRP A 151 -22.89 14.47 53.21
N MET A 152 -22.16 15.54 52.86
CA MET A 152 -20.93 15.86 53.57
C MET A 152 -21.21 16.14 55.04
N ALA A 153 -22.26 16.91 55.33
CA ALA A 153 -22.65 17.15 56.72
C ALA A 153 -22.99 15.85 57.43
N PHE A 154 -23.77 14.97 56.77
CA PHE A 154 -24.07 13.65 57.34
C PHE A 154 -22.81 12.89 57.72
N HIS A 155 -21.81 12.88 56.84
CA HIS A 155 -20.58 12.15 57.13
C HIS A 155 -19.89 12.71 58.36
N PHE A 156 -19.78 14.05 58.46
CA PHE A 156 -19.23 14.69 59.67
C PHE A 156 -19.97 14.24 60.92
N LEU A 157 -21.31 14.26 60.89
CA LEU A 157 -22.13 13.93 62.05
C LEU A 157 -22.06 12.45 62.43
N GLU A 158 -21.59 11.58 61.54
CA GLU A 158 -21.52 10.14 61.79
C GLU A 158 -20.17 9.69 62.35
N GLN A 159 -19.26 10.61 62.63
CA GLN A 159 -17.98 10.28 63.22
C GLN A 159 -18.02 10.55 64.72
N GLU A 160 -17.14 9.86 65.46
CA GLU A 160 -17.06 10.03 66.91
C GLU A 160 -15.62 9.92 67.40
N PRO A 161 -15.06 11.03 67.89
CA PRO A 161 -15.70 12.34 68.03
C PRO A 161 -15.84 13.12 66.70
N ILE A 162 -16.71 14.13 66.70
CA ILE A 162 -16.91 15.00 65.55
C ILE A 162 -15.71 15.91 65.39
N ASP A 163 -15.31 16.13 64.13
CA ASP A 163 -14.30 17.13 63.79
C ASP A 163 -15.00 18.48 63.65
N HIS A 164 -15.16 19.18 64.79
CA HIS A 164 -16.00 20.37 64.83
C HIS A 164 -15.38 21.52 64.07
N ILE A 165 -14.05 21.61 64.02
CA ILE A 165 -13.39 22.72 63.36
C ILE A 165 -13.66 22.68 61.85
N ASN A 166 -13.38 21.53 61.22
CA ASN A 166 -13.65 21.39 59.79
C ASN A 166 -15.14 21.36 59.48
N PHE A 167 -15.93 20.78 60.38
CA PHE A 167 -17.38 20.82 60.22
C PHE A 167 -17.87 22.26 60.11
N THR A 168 -17.40 23.12 61.01
CA THR A 168 -17.81 24.52 61.01
C THR A 168 -17.31 25.25 59.76
N LYS A 169 -16.02 25.13 59.46
CA LYS A 169 -15.46 25.67 58.23
C LYS A 169 -16.30 25.29 57.02
N PHE A 170 -16.66 24.00 56.92
CA PHE A 170 -17.42 23.53 55.77
C PHE A 170 -18.79 24.20 55.71
N LEU A 171 -19.42 24.40 56.86
CA LEU A 171 -20.77 24.95 56.86
C LEU A 171 -20.77 26.43 56.49
N GLN A 172 -19.75 27.18 56.93
CA GLN A 172 -19.61 28.57 56.52
C GLN A 172 -19.38 28.70 55.02
N ASP A 173 -18.48 27.88 54.45
CA ASP A 173 -18.18 28.00 53.03
C ASP A 173 -19.37 27.57 52.16
N TRP A 174 -20.07 26.51 52.56
CA TRP A 174 -21.02 25.87 51.65
C TRP A 174 -22.41 25.64 52.23
N GLY A 175 -22.58 25.70 53.55
CA GLY A 175 -23.90 25.51 54.11
C GLY A 175 -24.72 26.76 53.91
N SER A 176 -25.86 26.63 53.20
CA SER A 176 -26.75 27.75 52.94
C SER A 176 -27.03 28.53 54.21
N HIS A 177 -26.58 29.78 54.23
CA HIS A 177 -26.52 30.58 55.46
C HIS A 177 -27.90 30.97 55.97
N ASN A 178 -28.77 29.98 56.19
CA ASN A 178 -30.08 30.22 56.76
C ASN A 178 -30.00 30.22 58.28
N GLU A 179 -30.81 31.07 58.92
CA GLU A 179 -30.77 31.20 60.37
C GLU A 179 -31.05 29.85 61.04
N LYS A 180 -32.24 29.30 60.81
CA LYS A 180 -32.67 28.14 61.60
C LYS A 180 -32.09 26.82 61.09
N GLU A 181 -31.45 26.80 59.92
CA GLU A 181 -30.82 25.56 59.49
C GLU A 181 -29.45 25.38 60.13
N MET A 182 -28.61 26.42 60.09
CA MET A 182 -27.30 26.28 60.74
C MET A 182 -27.42 26.35 62.25
N GLU A 183 -28.40 27.12 62.75
CA GLU A 183 -28.95 26.95 64.09
C GLU A 183 -29.02 25.48 64.49
N ALA A 184 -29.78 24.68 63.73
CA ALA A 184 -30.09 23.30 64.10
C ALA A 184 -28.94 22.35 63.82
N LEU A 185 -28.21 22.56 62.73
CA LEU A 185 -27.11 21.67 62.39
C LEU A 185 -26.03 21.72 63.47
N GLN A 186 -25.83 22.88 64.08
CA GLN A 186 -24.79 22.99 65.10
C GLN A 186 -25.28 22.48 66.46
N ARG A 187 -26.59 22.59 66.74
CA ARG A 187 -27.13 21.88 67.90
C ARG A 187 -26.96 20.38 67.76
N LEU A 188 -27.24 19.86 66.57
CA LEU A 188 -27.23 18.42 66.34
C LEU A 188 -25.82 17.84 66.43
N SER A 189 -24.81 18.62 66.09
CA SER A 189 -23.43 18.16 66.26
C SER A 189 -23.09 17.98 67.73
N LYS A 190 -23.86 18.60 68.63
CA LYS A 190 -23.63 18.45 70.06
C LYS A 190 -24.47 17.35 70.70
N HIS A 191 -25.49 16.83 70.01
CA HIS A 191 -26.14 15.60 70.46
C HIS A 191 -25.13 14.46 70.55
N LYS A 192 -25.52 13.41 71.28
CA LYS A 192 -24.64 12.29 71.45
C LYS A 192 -24.73 11.37 70.22
N ILE A 193 -23.74 10.49 70.08
CA ILE A 193 -23.52 9.79 68.82
C ILE A 193 -24.73 8.94 68.43
N ARG A 194 -25.35 8.25 69.40
CA ARG A 194 -26.49 7.41 69.06
C ARG A 194 -27.65 8.25 68.51
N LYS A 195 -27.85 9.46 69.04
CA LYS A 195 -28.93 10.29 68.53
C LYS A 195 -28.58 10.88 67.17
N ARG A 196 -27.34 11.36 67.00
CA ARG A 196 -26.91 11.81 65.69
C ARG A 196 -27.13 10.74 64.64
N LEU A 197 -26.81 9.49 64.97
CA LEU A 197 -26.90 8.41 63.99
C LEU A 197 -28.36 8.08 63.65
N ILE A 198 -29.25 8.12 64.64
CA ILE A 198 -30.67 7.90 64.37
C ILE A 198 -31.21 8.99 63.45
N TYR A 199 -30.84 10.24 63.74
CA TYR A 199 -31.32 11.36 62.94
C TYR A 199 -30.73 11.32 61.53
N VAL A 200 -29.43 11.03 61.41
CA VAL A 200 -28.83 10.95 60.09
C VAL A 200 -29.48 9.82 59.27
N SER A 201 -29.78 8.68 59.90
CA SER A 201 -30.40 7.57 59.19
C SER A 201 -31.76 7.96 58.63
N GLN A 202 -32.55 8.68 59.43
CA GLN A 202 -33.87 9.12 59.01
C GLN A 202 -33.79 10.09 57.84
N HIS A 203 -32.87 11.05 57.91
CA HIS A 203 -32.77 12.01 56.81
C HIS A 203 -32.17 11.39 55.56
N LYS A 204 -31.24 10.42 55.71
CA LYS A 204 -30.75 9.71 54.53
C LYS A 204 -31.88 8.94 53.86
N LYS A 205 -32.80 8.37 54.65
CA LYS A 205 -33.95 7.68 54.06
C LYS A 205 -34.91 8.66 53.40
N LYS A 206 -35.10 9.85 54.00
CA LYS A 206 -35.93 10.90 53.43
C LYS A 206 -35.39 11.45 52.11
N MET A 207 -34.14 11.15 51.78
CA MET A 207 -33.47 11.87 50.71
C MET A 207 -32.28 11.05 50.22
N PRO A 208 -32.52 9.90 49.59
CA PRO A 208 -31.43 8.95 49.33
C PRO A 208 -30.43 9.50 48.33
N TRP A 209 -29.20 9.00 48.42
CA TRP A 209 -28.17 9.51 47.52
C TRP A 209 -28.53 9.26 46.05
N SER A 210 -29.33 8.22 45.75
CA SER A 210 -29.66 7.94 44.37
C SER A 210 -30.35 9.12 43.68
N LYS A 211 -31.14 9.91 44.43
CA LYS A 211 -31.79 11.07 43.86
C LYS A 211 -30.77 12.13 43.45
N PHE A 212 -29.76 12.36 44.30
CA PHE A 212 -28.76 13.37 43.98
C PHE A 212 -27.80 12.89 42.92
N ASN A 213 -27.56 11.59 42.86
CA ASN A 213 -26.81 11.04 41.74
C ASN A 213 -27.50 11.35 40.42
N SER A 214 -28.82 11.15 40.36
CA SER A 214 -29.57 11.41 39.13
C SER A 214 -29.59 12.89 38.78
N VAL A 215 -29.88 13.75 39.75
CA VAL A 215 -29.90 15.20 39.55
C VAL A 215 -28.53 15.69 39.06
N LEU A 216 -27.47 15.22 39.68
CA LEU A 216 -26.13 15.67 39.32
C LEU A 216 -25.75 15.20 37.92
N SER A 217 -26.05 13.94 37.61
CA SER A 217 -25.84 13.46 36.25
C SER A 217 -26.61 14.30 35.23
N ARG A 218 -27.88 14.57 35.51
CA ARG A 218 -28.69 15.37 34.60
C ARG A 218 -28.20 16.80 34.53
N TYR A 219 -27.66 17.33 35.63
CA TYR A 219 -27.06 18.65 35.58
C TYR A 219 -25.88 18.67 34.62
N ILE A 220 -25.01 17.67 34.70
CA ILE A 220 -23.82 17.63 33.85
C ILE A 220 -24.22 17.48 32.39
N GLN A 221 -25.21 16.63 32.10
CA GLN A 221 -25.63 16.41 30.72
C GLN A 221 -26.33 17.65 30.16
N CYS A 222 -27.17 18.29 30.97
CA CYS A 222 -27.81 19.54 30.58
C CYS A 222 -26.77 20.60 30.26
N THR A 223 -25.76 20.74 31.12
CA THR A 223 -24.70 21.71 30.91
C THR A 223 -23.92 21.42 29.64
N LYS A 224 -23.55 20.14 29.42
CA LYS A 224 -22.82 19.74 28.21
C LYS A 224 -23.60 20.10 26.96
N LEU A 225 -24.90 19.80 26.96
CA LEU A 225 -25.74 20.10 25.80
C LEU A 225 -25.77 21.60 25.51
N GLN A 226 -26.06 22.44 26.53
CA GLN A 226 -26.12 23.89 26.32
C GLN A 226 -24.82 24.44 25.79
N LEU A 227 -23.70 24.00 26.34
CA LEU A 227 -22.41 24.53 25.91
C LEU A 227 -22.14 24.19 24.45
N GLU A 228 -22.52 22.98 24.01
CA GLU A 228 -22.26 22.59 22.63
C GLU A 228 -23.21 23.33 21.68
N VAL A 229 -24.50 23.36 22.02
CA VAL A 229 -25.51 23.93 21.14
C VAL A 229 -25.33 25.44 21.03
N PHE A 230 -25.12 26.13 22.17
CA PHE A 230 -25.12 27.59 22.18
C PHE A 230 -23.74 28.25 22.11
N CYS A 231 -22.68 27.58 22.53
CA CYS A 231 -21.33 28.09 22.38
C CYS A 231 -20.47 27.12 21.56
N ASP A 232 -19.18 27.47 21.44
CA ASP A 232 -18.21 26.67 20.70
C ASP A 232 -17.46 25.69 21.60
N TYR A 233 -18.23 24.81 22.26
CA TYR A 233 -17.66 23.62 22.85
C TYR A 233 -18.13 22.41 22.05
N ASP A 234 -17.34 21.34 22.11
CA ASP A 234 -17.75 20.04 21.59
C ASP A 234 -17.68 19.07 22.76
N PHE A 235 -18.84 18.59 23.17
CA PHE A 235 -18.97 17.63 24.26
C PHE A 235 -19.60 16.34 23.75
N LYS A 236 -19.41 16.09 22.45
CA LYS A 236 -19.85 14.86 21.80
C LYS A 236 -21.35 14.64 22.03
N GLN A 237 -22.10 15.75 22.01
CA GLN A 237 -23.54 15.72 22.20
C GLN A 237 -24.30 15.72 20.89
N ARG A 238 -23.62 15.49 19.76
CA ARG A 238 -24.26 15.58 18.44
C ARG A 238 -25.47 14.65 18.33
N GLU A 239 -25.33 13.41 18.79
CA GLU A 239 -26.45 12.46 18.70
C GLU A 239 -27.61 12.82 19.60
N ILE A 240 -27.41 13.66 20.61
CA ILE A 240 -28.51 14.12 21.46
C ILE A 240 -29.18 15.38 20.92
N VAL A 241 -28.40 16.34 20.39
CA VAL A 241 -28.98 17.58 19.87
C VAL A 241 -29.84 17.27 18.65
N LYS A 242 -29.46 16.27 17.89
CA LYS A 242 -30.15 15.94 16.63
C LYS A 242 -31.60 15.52 16.82
N MET A 243 -31.87 14.88 17.97
CA MET A 243 -33.20 14.40 18.30
C MET A 243 -34.05 15.47 18.97
N LEU A 244 -34.10 16.64 18.35
CA LEU A 244 -34.87 17.76 18.86
C LEU A 244 -35.65 18.42 17.73
N ALA B 3 2.70 38.22 41.71
CA ALA B 3 3.42 38.38 42.97
C ALA B 3 3.17 37.20 43.92
N CYS B 4 3.50 35.99 43.47
CA CYS B 4 3.07 34.76 44.14
C CYS B 4 4.24 34.05 44.81
N GLU B 5 4.06 33.76 46.12
CA GLU B 5 5.11 33.16 46.94
C GLU B 5 5.43 31.73 46.50
N MET B 6 4.39 30.90 46.29
CA MET B 6 4.63 29.55 45.78
C MET B 6 5.31 29.55 44.41
N CYS B 7 5.04 30.57 43.57
CA CYS B 7 5.77 30.69 42.31
C CYS B 7 7.23 31.02 42.57
N ARG B 8 7.49 31.94 43.48
CA ARG B 8 8.86 32.35 43.77
C ARG B 8 9.63 31.22 44.43
N LEU B 9 8.94 30.36 45.19
CA LEU B 9 9.53 29.21 45.85
C LEU B 9 9.61 27.97 44.97
N GLY B 10 9.04 27.98 43.77
CA GLY B 10 9.10 26.81 42.91
C GLY B 10 8.27 25.63 43.37
N LEU B 11 7.27 25.84 44.30
CA LEU B 11 6.43 24.79 44.88
C LEU B 11 5.18 24.56 44.03
N PRO B 12 4.67 23.32 43.97
CA PRO B 12 3.43 23.08 43.24
C PRO B 12 2.23 23.69 43.95
N HIS B 13 1.33 24.28 43.16
CA HIS B 13 0.13 24.97 43.63
C HIS B 13 -0.76 25.26 42.42
N GLY B 14 -1.97 25.74 42.71
CA GLY B 14 -2.91 26.09 41.67
C GLY B 14 -3.87 24.98 41.32
N SER B 15 -4.76 25.27 40.37
CA SER B 15 -5.88 24.37 40.11
C SER B 15 -5.42 23.02 39.57
N PHE B 16 -4.35 22.99 38.78
CA PHE B 16 -3.90 21.72 38.21
C PHE B 16 -3.26 20.86 39.27
N PHE B 17 -2.51 21.47 40.19
CA PHE B 17 -1.96 20.69 41.30
C PHE B 17 -3.07 20.17 42.21
N GLU B 18 -4.05 21.02 42.55
CA GLU B 18 -5.15 20.58 43.41
C GLU B 18 -5.96 19.49 42.73
N LEU B 19 -6.20 19.60 41.43
CA LEU B 19 -6.90 18.52 40.72
C LEU B 19 -6.11 17.23 40.78
N LEU B 20 -4.79 17.30 40.57
CA LEU B 20 -3.94 16.12 40.64
C LEU B 20 -4.07 15.41 41.98
N ARG B 21 -3.93 16.14 43.09
CA ARG B 21 -3.99 15.49 44.41
C ARG B 21 -5.37 14.90 44.66
N ASP B 22 -6.43 15.62 44.29
CA ASP B 22 -7.78 15.10 44.49
C ASP B 22 -8.03 13.87 43.65
N TRP B 23 -7.54 13.87 42.42
CA TRP B 23 -7.65 12.73 41.53
C TRP B 23 -6.98 11.51 42.13
N LYS B 24 -5.79 11.69 42.70
CA LYS B 24 -5.09 10.60 43.37
C LYS B 24 -5.91 10.08 44.57
N LYS B 25 -6.44 10.97 45.40
CA LYS B 25 -7.27 10.50 46.52
C LYS B 25 -8.42 9.61 46.04
N ILE B 26 -9.11 10.01 44.98
CA ILE B 26 -10.24 9.21 44.47
C ILE B 26 -9.78 7.85 43.98
N GLU B 27 -8.68 7.80 43.22
CA GLU B 27 -8.24 6.54 42.63
C GLU B 27 -7.79 5.55 43.71
N GLU B 28 -7.05 6.07 44.69
CA GLU B 28 -6.57 5.27 45.79
C GLU B 28 -7.75 4.69 46.56
N PHE B 29 -8.74 5.54 46.86
CA PHE B 29 -9.92 5.09 47.58
C PHE B 29 -10.68 3.99 46.85
N ARG B 30 -10.82 4.12 45.51
CA ARG B 30 -11.57 3.12 44.75
C ARG B 30 -10.82 1.79 44.57
N ASN B 31 -9.52 1.74 44.89
CA ASN B 31 -8.76 0.48 44.81
C ASN B 31 -8.75 -0.27 46.14
N ASP C 2 -40.41 20.80 25.88
CA ASP C 2 -40.30 21.92 26.81
C ASP C 2 -39.82 21.41 28.19
N ASN C 3 -39.69 20.10 28.32
CA ASN C 3 -39.06 19.43 29.45
C ASN C 3 -38.12 18.40 28.87
N ILE C 4 -36.85 18.48 29.23
CA ILE C 4 -35.87 17.53 28.70
C ILE C 4 -35.08 16.87 29.82
N PHE C 5 -34.66 17.66 30.81
CA PHE C 5 -33.83 17.14 31.90
C PHE C 5 -34.52 17.12 33.25
N VAL C 6 -35.46 18.02 33.50
CA VAL C 6 -36.24 17.99 34.75
C VAL C 6 -37.58 17.39 34.33
N LYS C 7 -38.15 16.41 35.05
CA LYS C 7 -39.37 15.88 34.46
C LYS C 7 -40.60 16.61 35.00
N PRO C 8 -41.70 16.72 34.21
CA PRO C 8 -42.85 17.54 34.64
C PRO C 8 -43.36 17.16 36.01
N GLY C 9 -43.42 18.14 36.92
CA GLY C 9 -43.83 17.90 38.28
C GLY C 9 -42.78 17.28 39.17
N GLU C 10 -41.52 17.25 38.75
CA GLU C 10 -40.46 16.74 39.60
C GLU C 10 -40.14 17.76 40.69
N ASP C 11 -39.94 17.29 41.92
CA ASP C 11 -39.65 18.18 43.03
C ASP C 11 -38.15 18.17 43.31
N LEU C 12 -37.49 19.28 42.98
CA LEU C 12 -36.06 19.43 43.17
C LEU C 12 -35.78 20.34 44.35
N GLU C 13 -36.79 20.61 45.17
CA GLU C 13 -36.62 21.40 46.38
C GLU C 13 -36.36 20.44 47.53
N ILE C 14 -35.40 20.78 48.38
CA ILE C 14 -34.89 19.87 49.40
C ILE C 14 -35.44 20.27 50.75
N PRO C 15 -36.04 19.33 51.50
CA PRO C 15 -36.48 19.64 52.87
C PRO C 15 -35.34 20.23 53.69
N LEU C 16 -35.67 21.23 54.51
CA LEU C 16 -34.73 21.66 55.53
C LEU C 16 -34.59 20.58 56.62
N LEU C 17 -33.52 20.72 57.40
CA LEU C 17 -33.23 19.79 58.50
C LEU C 17 -34.04 20.17 59.74
N SER C 18 -34.55 19.16 60.44
CA SER C 18 -35.26 19.40 61.72
C SER C 18 -35.26 18.17 62.65
N SER D 1 -12.32 5.62 14.67
CA SER D 1 -12.33 5.66 16.13
C SER D 1 -11.81 6.83 16.93
N ASN D 2 -12.23 6.75 18.19
CA ASN D 2 -11.63 7.54 19.24
C ASN D 2 -10.25 7.01 19.59
N GLU D 3 -10.06 5.69 19.48
CA GLU D 3 -8.72 5.10 19.63
C GLU D 3 -7.76 5.76 18.65
N LYS D 4 -8.20 5.95 17.40
CA LYS D 4 -7.41 6.62 16.39
C LYS D 4 -7.17 8.08 16.73
N ILE D 5 -8.21 8.78 17.21
CA ILE D 5 -8.02 10.19 17.58
C ILE D 5 -7.13 10.31 18.82
N ARG D 6 -7.25 9.38 19.77
CA ARG D 6 -6.40 9.40 20.97
C ARG D 6 -4.94 9.19 20.60
N SER D 7 -4.66 8.16 19.79
CA SER D 7 -3.29 7.90 19.31
C SER D 7 -2.71 9.12 18.60
N GLN D 8 -3.50 9.75 17.73
CA GLN D 8 -3.03 10.92 17.03
C GLN D 8 -2.70 12.05 17.98
N SER D 9 -3.55 12.27 18.98
CA SER D 9 -3.27 13.36 19.92
C SER D 9 -2.02 13.07 20.76
N VAL D 10 -1.83 11.81 21.17
CA VAL D 10 -0.60 11.44 21.90
C VAL D 10 0.63 11.76 21.06
N LEU D 11 0.58 11.44 19.76
CA LEU D 11 1.68 11.73 18.85
C LEU D 11 1.96 13.21 18.78
N ASN D 12 0.89 14.04 18.68
CA ASN D 12 1.06 15.48 18.69
C ASN D 12 1.69 15.95 19.99
N THR D 13 1.32 15.31 21.12
CA THR D 13 1.96 15.63 22.38
C THR D 13 3.44 15.27 22.36
N LEU D 14 3.79 14.06 21.88
CA LEU D 14 5.20 13.67 21.78
C LEU D 14 5.98 14.61 20.87
N GLU D 15 5.36 15.05 19.78
CA GLU D 15 6.01 15.99 18.87
C GLU D 15 6.46 17.26 19.60
N THR D 16 5.61 17.78 20.50
CA THR D 16 5.96 18.96 21.28
C THR D 16 7.05 18.69 22.30
N PHE D 17 7.27 17.43 22.69
CA PHE D 17 8.37 17.12 23.61
C PHE D 17 9.66 16.77 22.86
N PHE D 18 9.55 16.17 21.66
CA PHE D 18 10.72 15.57 21.02
C PHE D 18 11.48 16.55 20.13
N ILE D 19 10.78 17.45 19.43
CA ILE D 19 11.42 18.32 18.44
C ILE D 19 12.19 19.43 19.13
N LYS D 20 13.50 19.48 18.90
CA LYS D 20 14.36 20.50 19.48
C LYS D 20 15.16 21.20 18.37
N GLU D 21 15.48 22.48 18.64
CA GLU D 21 16.45 23.20 17.82
C GLU D 21 17.81 22.51 17.86
N ASN D 22 18.24 22.11 19.05
CA ASN D 22 19.42 21.28 19.21
C ASN D 22 18.93 19.85 19.38
N HIS D 23 19.59 19.03 20.18
CA HIS D 23 19.25 17.61 20.24
C HIS D 23 18.38 17.31 21.44
N TYR D 24 17.42 16.42 21.25
CA TYR D 24 16.59 15.97 22.35
C TYR D 24 17.41 15.16 23.35
N ASP D 25 17.03 15.27 24.61
CA ASP D 25 17.54 14.38 25.66
C ASP D 25 16.44 14.21 26.70
N MET D 26 16.43 13.06 27.35
CA MET D 26 15.41 12.80 28.36
C MET D 26 15.69 13.62 29.62
N GLN D 27 14.72 14.42 30.04
CA GLN D 27 14.71 15.10 31.31
C GLN D 27 13.94 14.28 32.33
N ARG D 28 14.32 14.40 33.61
CA ARG D 28 13.68 13.57 34.64
C ARG D 28 12.21 13.88 34.78
N GLU D 29 11.82 15.16 34.68
CA GLU D 29 10.42 15.55 34.85
C GLU D 29 9.56 15.20 33.64
N GLU D 30 10.16 14.98 32.47
CA GLU D 30 9.40 14.52 31.31
C GLU D 30 9.42 13.01 31.14
N SER D 31 10.22 12.30 31.93
CA SER D 31 10.40 10.88 31.69
C SER D 31 9.07 10.11 31.74
N SER D 32 8.24 10.42 32.74
CA SER D 32 7.00 9.68 32.95
C SER D 32 5.97 9.96 31.85
N ILE D 33 5.81 11.23 31.45
CA ILE D 33 4.84 11.53 30.39
C ILE D 33 5.31 10.94 29.04
N VAL D 34 6.60 11.09 28.71
CA VAL D 34 7.12 10.51 27.48
C VAL D 34 6.94 8.99 27.45
N ASN D 35 7.32 8.31 28.54
CA ASN D 35 7.14 6.85 28.62
C ASN D 35 5.68 6.44 28.51
N ALA D 36 4.78 7.16 29.19
CA ALA D 36 3.36 6.84 29.08
C ALA D 36 2.86 6.99 27.63
N CYS D 37 3.30 8.06 26.96
CA CYS D 37 2.93 8.25 25.55
C CYS D 37 3.49 7.12 24.68
N LEU D 38 4.79 6.82 24.83
CA LEU D 38 5.40 5.75 24.06
C LEU D 38 4.68 4.44 24.30
N ARG D 39 4.34 4.17 25.56
CA ARG D 39 3.62 2.94 25.88
C ARG D 39 2.23 2.93 25.26
N TYR D 40 1.50 4.05 25.35
CA TYR D 40 0.17 4.09 24.73
C TYR D 40 0.23 3.81 23.23
N LEU D 41 1.15 4.49 22.52
CA LEU D 41 1.30 4.22 21.09
C LEU D 41 1.79 2.79 20.83
N GLY D 42 2.67 2.29 21.70
CA GLY D 42 3.24 0.96 21.51
C GLY D 42 2.23 -0.16 21.61
N TYR D 43 1.15 0.05 22.37
CA TYR D 43 0.08 -0.93 22.48
C TYR D 43 -1.19 -0.50 21.77
N SER D 44 -1.18 0.65 21.10
CA SER D 44 -2.36 1.09 20.35
C SER D 44 -2.49 0.25 19.08
N LYS D 45 -3.60 -0.49 18.96
CA LYS D 45 -3.76 -1.38 17.84
C LYS D 45 -3.94 -0.62 16.51
N SER D 46 -4.34 0.64 16.57
CA SER D 46 -4.49 1.41 15.34
C SER D 46 -3.17 1.97 14.83
N MET D 47 -2.08 1.82 15.60
CA MET D 47 -0.76 2.30 15.17
C MET D 47 0.14 1.19 14.64
N CYS D 48 -0.31 -0.07 14.69
CA CYS D 48 0.59 -1.20 14.44
C CYS D 48 1.20 -1.15 13.04
N HIS D 49 0.47 -0.64 12.06
CA HIS D 49 0.96 -0.58 10.69
C HIS D 49 1.00 0.86 10.20
N GLU D 50 1.01 1.83 11.11
CA GLU D 50 1.19 3.22 10.73
C GLU D 50 2.66 3.54 10.50
N LYS D 51 2.88 4.51 9.62
CA LYS D 51 4.21 5.03 9.34
C LYS D 51 4.75 5.72 10.58
N MET D 52 5.99 5.40 10.94
CA MET D 52 6.67 6.13 12.00
C MET D 52 7.02 7.54 11.54
N PRO D 53 6.51 8.59 12.20
CA PRO D 53 6.88 9.96 11.80
C PRO D 53 8.37 10.21 11.94
N ILE D 54 8.92 11.02 11.03
CA ILE D 54 10.36 11.20 11.00
C ILE D 54 10.90 11.87 12.27
N PHE D 55 10.11 12.73 12.91
CA PHE D 55 10.58 13.38 14.13
C PHE D 55 10.83 12.35 15.24
N MET D 56 10.14 11.21 15.21
CA MET D 56 10.36 10.17 16.20
C MET D 56 11.65 9.40 15.93
N ASP D 57 11.91 9.05 14.66
CA ASP D 57 13.19 8.44 14.32
C ASP D 57 14.35 9.33 14.73
N ILE D 58 14.23 10.64 14.47
CA ILE D 58 15.30 11.59 14.78
C ILE D 58 15.52 11.69 16.29
N ALA D 59 14.44 11.79 17.06
CA ALA D 59 14.57 11.86 18.52
C ALA D 59 15.15 10.57 19.06
N PHE D 60 14.79 9.43 18.47
CA PHE D 60 15.39 8.18 18.87
C PHE D 60 16.90 8.20 18.64
N ILE D 61 17.33 8.66 17.45
CA ILE D 61 18.76 8.70 17.14
C ILE D 61 19.49 9.63 18.09
N GLU D 62 18.91 10.80 18.38
CA GLU D 62 19.53 11.74 19.30
C GLU D 62 19.68 11.13 20.69
N TYR D 63 18.66 10.38 21.13
CA TYR D 63 18.64 9.78 22.46
C TYR D 63 19.55 8.56 22.53
N CYS D 64 19.45 7.66 21.55
CA CYS D 64 20.27 6.46 21.53
C CYS D 64 21.76 6.80 21.56
N PHE D 65 22.19 7.74 20.72
CA PHE D 65 23.60 8.06 20.62
C PHE D 65 23.98 9.25 21.47
N ASN D 66 23.06 9.74 22.30
CA ASN D 66 23.37 10.77 23.29
C ASN D 66 23.98 12.01 22.63
N LEU D 67 23.38 12.43 21.51
CA LEU D 67 23.96 13.52 20.75
C LEU D 67 23.92 14.84 21.51
N SER D 68 23.02 14.98 22.48
CA SER D 68 22.97 16.21 23.28
C SER D 68 24.25 16.46 24.08
N LEU D 69 25.06 15.42 24.31
CA LEU D 69 26.34 15.51 25.02
C LEU D 69 27.52 15.73 24.07
N SER D 86 30.37 4.48 22.88
CA SER D 86 31.25 4.77 23.99
C SER D 86 30.49 5.46 25.12
N GLN D 87 30.43 6.79 25.02
CA GLN D 87 29.79 7.64 26.03
C GLN D 87 28.29 7.34 26.15
N GLN D 88 27.92 6.64 27.23
CA GLN D 88 26.55 6.30 27.62
C GLN D 88 25.72 5.61 26.52
N ILE D 89 26.34 5.13 25.44
CA ILE D 89 25.64 4.42 24.37
C ILE D 89 25.55 2.95 24.75
N LEU D 90 24.36 2.38 24.58
CA LEU D 90 24.15 0.95 24.80
C LEU D 90 24.50 0.23 23.50
N TRP D 91 25.72 -0.29 23.41
CA TRP D 91 26.12 -1.06 22.23
C TRP D 91 25.57 -2.45 22.42
N GLU D 92 24.35 -2.63 21.99
CA GLU D 92 23.73 -3.93 21.98
C GLU D 92 23.25 -4.21 20.56
N TYR D 93 23.50 -5.41 20.09
CA TYR D 93 23.29 -5.76 18.69
C TYR D 93 21.87 -5.42 18.24
N SER D 94 20.87 -5.84 19.01
CA SER D 94 19.48 -5.68 18.59
C SER D 94 19.10 -4.20 18.52
N LEU D 95 19.50 -3.44 19.54
CA LEU D 95 19.20 -2.01 19.56
C LEU D 95 19.91 -1.28 18.43
N ILE D 96 21.22 -1.55 18.25
CA ILE D 96 21.98 -0.81 17.25
C ILE D 96 21.51 -1.16 15.85
N SER D 97 21.11 -2.40 15.64
CA SER D 97 20.53 -2.79 14.35
C SER D 97 19.26 -1.99 14.06
N ASN D 98 18.39 -1.86 15.07
CA ASN D 98 17.18 -1.04 14.92
C ASN D 98 17.53 0.42 14.68
N ALA D 99 18.56 0.93 15.38
CA ALA D 99 18.97 2.32 15.19
C ALA D 99 19.45 2.56 13.76
N LEU D 100 20.19 1.61 13.19
CA LEU D 100 20.66 1.77 11.81
C LEU D 100 19.51 1.76 10.82
N GLU D 101 18.48 0.97 11.11
CA GLU D 101 17.31 0.93 10.25
C GLU D 101 16.57 2.27 10.31
N ARG D 102 16.46 2.85 11.51
CA ARG D 102 15.83 4.16 11.66
C ARG D 102 16.65 5.26 11.01
N LEU D 103 17.98 5.15 11.06
CA LEU D 103 18.83 6.13 10.39
C LEU D 103 18.65 6.07 8.88
N GLU D 104 18.51 4.87 8.32
CA GLU D 104 18.25 4.74 6.89
C GLU D 104 16.88 5.30 6.52
N ASN D 105 15.87 5.06 7.38
CA ASN D 105 14.55 5.65 7.14
C ASN D 105 14.60 7.16 7.13
N ILE D 106 15.36 7.77 8.05
CA ILE D 106 15.58 9.22 8.03
C ILE D 106 16.19 9.64 6.70
N GLU D 107 17.24 8.95 6.28
CA GLU D 107 17.99 9.38 5.11
C GLU D 107 17.18 9.25 3.82
N LEU D 108 16.44 8.14 3.63
CA LEU D 108 15.69 8.00 2.38
C LEU D 108 14.54 9.00 2.32
N GLU D 109 13.92 9.26 3.47
CA GLU D 109 12.86 10.26 3.54
C GLU D 109 13.41 11.66 3.26
N ARG D 110 14.55 12.00 3.86
CA ARG D 110 15.17 13.29 3.57
C ARG D 110 15.43 13.44 2.09
N GLN D 111 16.02 12.41 1.47
CA GLN D 111 16.34 12.47 0.05
C GLN D 111 15.09 12.68 -0.79
N ASN D 112 14.07 11.82 -0.58
CA ASN D 112 12.83 11.83 -1.36
C ASN D 112 12.02 13.12 -1.17
N CYS D 113 11.87 13.51 0.10
CA CYS D 113 11.11 14.70 0.45
C CYS D 113 11.77 15.99 0.00
N MET D 114 13.10 16.02 -0.01
CA MET D 114 13.81 17.22 -0.40
C MET D 114 13.77 17.43 -1.92
N ARG D 115 13.86 16.35 -2.71
CA ARG D 115 13.75 16.47 -4.17
C ARG D 115 12.37 16.91 -4.62
N GLU D 116 11.36 16.72 -3.80
CA GLU D 116 10.01 17.15 -4.08
C GLU D 116 9.80 18.57 -3.59
N LEU D 128 20.75 29.65 0.69
CA LEU D 128 21.07 28.24 0.93
C LEU D 128 20.95 27.41 -0.36
N ASN D 129 22.01 26.71 -0.70
CA ASN D 129 22.07 25.90 -1.91
C ASN D 129 21.61 24.47 -1.60
N LYS D 130 20.60 24.01 -2.35
CA LYS D 130 19.99 22.71 -2.14
C LYS D 130 20.96 21.57 -2.43
N GLU D 131 21.79 21.71 -3.45
CA GLU D 131 22.65 20.59 -3.84
C GLU D 131 23.79 20.40 -2.85
N THR D 132 24.33 21.50 -2.31
CA THR D 132 25.37 21.41 -1.30
C THR D 132 24.85 20.74 -0.03
N LEU D 133 23.65 21.12 0.39
CA LEU D 133 23.04 20.54 1.57
C LEU D 133 22.79 19.04 1.35
N ASN D 134 22.37 18.66 0.15
CA ASN D 134 22.17 17.24 -0.17
C ASN D 134 23.48 16.47 -0.16
N ASN D 135 24.51 16.97 -0.86
CA ASN D 135 25.78 16.25 -0.89
C ASN D 135 26.34 16.11 0.52
N GLU D 136 26.18 17.15 1.34
CA GLU D 136 26.70 17.15 2.71
C GLU D 136 25.98 16.11 3.56
N ALA D 137 24.64 16.11 3.51
CA ALA D 137 23.90 15.14 4.28
C ALA D 137 24.30 13.72 3.90
N LEU D 138 24.41 13.46 2.59
CA LEU D 138 24.73 12.10 2.15
C LEU D 138 26.13 11.68 2.59
N LYS D 139 27.09 12.61 2.57
CA LYS D 139 28.45 12.31 3.00
C LYS D 139 28.50 12.04 4.51
N LEU D 140 27.85 12.91 5.29
CA LEU D 140 27.74 12.73 6.74
C LEU D 140 27.02 11.42 7.06
N TYR D 141 25.94 11.13 6.33
CA TYR D 141 25.19 9.90 6.59
C TYR D 141 26.10 8.68 6.45
N SER D 142 26.79 8.60 5.32
CA SER D 142 27.63 7.45 5.02
C SER D 142 28.76 7.31 6.03
N CYS D 143 29.32 8.44 6.46
CA CYS D 143 30.35 8.40 7.50
C CYS D 143 29.76 7.92 8.83
N ALA D 144 28.65 8.53 9.29
CA ALA D 144 28.04 8.15 10.56
C ALA D 144 27.65 6.67 10.56
N LYS D 145 27.03 6.21 9.47
CA LYS D 145 26.58 4.82 9.43
C LYS D 145 27.76 3.86 9.57
N ALA D 146 28.85 4.14 8.85
CA ALA D 146 30.04 3.28 8.92
C ALA D 146 30.68 3.32 10.31
N GLY D 147 30.65 4.48 10.96
CA GLY D 147 31.17 4.57 12.32
C GLY D 147 30.37 3.72 13.29
N ILE D 148 29.04 3.78 13.18
CA ILE D 148 28.20 2.97 14.06
C ILE D 148 28.45 1.49 13.85
N CYS D 149 28.51 1.04 12.59
CA CYS D 149 28.79 -0.37 12.32
C CYS D 149 30.15 -0.78 12.85
N ARG D 150 31.12 0.12 12.69
CA ARG D 150 32.49 -0.14 13.13
C ARG D 150 32.59 -0.27 14.65
N TRP D 151 31.90 0.60 15.38
CA TRP D 151 31.94 0.55 16.83
C TRP D 151 31.07 -0.59 17.38
N MET D 152 29.98 -0.95 16.67
CA MET D 152 29.28 -2.17 17.04
C MET D 152 30.20 -3.38 16.89
N ALA D 153 30.99 -3.44 15.81
CA ALA D 153 31.93 -4.54 15.62
C ALA D 153 32.98 -4.58 16.73
N PHE D 154 33.53 -3.42 17.10
CA PHE D 154 34.45 -3.32 18.22
C PHE D 154 33.85 -3.90 19.49
N HIS D 155 32.58 -3.57 19.77
CA HIS D 155 31.94 -4.07 20.98
C HIS D 155 31.88 -5.59 20.97
N PHE D 156 31.48 -6.17 19.82
CA PHE D 156 31.43 -7.63 19.70
C PHE D 156 32.79 -8.25 20.03
N LEU D 157 33.86 -7.67 19.49
CA LEU D 157 35.21 -8.19 19.62
C LEU D 157 35.77 -8.05 21.02
N GLU D 158 35.22 -7.14 21.81
CA GLU D 158 35.69 -6.90 23.16
C GLU D 158 34.99 -7.76 24.21
N GLN D 159 34.10 -8.65 23.80
CA GLN D 159 33.44 -9.53 24.76
C GLN D 159 34.20 -10.85 24.82
N GLU D 160 34.06 -11.54 25.94
CA GLU D 160 34.76 -12.79 26.13
C GLU D 160 33.85 -13.70 26.94
N PRO D 161 33.37 -14.79 26.34
CA PRO D 161 33.64 -15.25 24.97
C PRO D 161 32.89 -14.42 23.92
N ILE D 162 33.31 -14.51 22.66
CA ILE D 162 32.62 -13.79 21.60
C ILE D 162 31.27 -14.43 21.33
N ASP D 163 30.25 -13.60 21.11
CA ASP D 163 28.94 -14.06 20.64
C ASP D 163 29.03 -14.18 19.12
N HIS D 164 29.46 -15.35 18.63
CA HIS D 164 29.82 -15.49 17.22
C HIS D 164 28.61 -15.39 16.30
N ILE D 165 27.47 -15.95 16.72
CA ILE D 165 26.31 -15.98 15.84
C ILE D 165 25.78 -14.58 15.61
N ASN D 166 25.58 -13.80 16.68
CA ASN D 166 25.13 -12.43 16.50
C ASN D 166 26.18 -11.59 15.81
N PHE D 167 27.47 -11.87 16.05
CA PHE D 167 28.51 -11.16 15.32
C PHE D 167 28.36 -11.38 13.83
N THR D 168 28.13 -12.64 13.41
CA THR D 168 27.95 -12.91 11.98
C THR D 168 26.72 -12.20 11.45
N LYS D 169 25.56 -12.39 12.12
CA LYS D 169 24.32 -11.77 11.66
C LYS D 169 24.48 -10.26 11.46
N PHE D 170 25.10 -9.58 12.42
CA PHE D 170 25.26 -8.13 12.29
C PHE D 170 26.14 -7.78 11.10
N LEU D 171 27.16 -8.60 10.83
CA LEU D 171 28.06 -8.31 9.72
C LEU D 171 27.37 -8.54 8.37
N GLN D 172 26.52 -9.56 8.28
CA GLN D 172 25.74 -9.76 7.06
C GLN D 172 24.80 -8.60 6.81
N ASP D 173 24.07 -8.17 7.84
CA ASP D 173 23.06 -7.13 7.67
C ASP D 173 23.69 -5.77 7.37
N TRP D 174 24.80 -5.44 8.02
CA TRP D 174 25.29 -4.06 8.03
C TRP D 174 26.77 -3.91 7.72
N GLY D 175 27.56 -4.99 7.70
CA GLY D 175 28.98 -4.87 7.44
C GLY D 175 29.28 -4.63 5.96
N SER D 176 30.40 -3.93 5.72
CA SER D 176 30.92 -3.76 4.38
C SER D 176 31.26 -5.13 3.80
N HIS D 177 30.41 -5.63 2.90
CA HIS D 177 30.49 -7.02 2.50
C HIS D 177 31.73 -7.39 1.72
N ASN D 178 32.82 -6.63 1.82
CA ASN D 178 33.97 -6.98 0.99
C ASN D 178 34.64 -8.21 1.55
N GLU D 179 34.92 -9.18 0.67
CA GLU D 179 35.43 -10.46 1.10
C GLU D 179 36.76 -10.34 1.84
N LYS D 180 37.56 -9.28 1.60
CA LYS D 180 38.84 -9.14 2.29
C LYS D 180 38.65 -8.70 3.75
N GLU D 181 37.75 -7.77 4.03
CA GLU D 181 37.49 -7.55 5.47
C GLU D 181 36.52 -8.59 6.07
N MET D 182 35.51 -9.04 5.33
CA MET D 182 34.65 -10.08 5.91
C MET D 182 35.48 -11.24 6.44
N GLU D 183 36.61 -11.55 5.79
CA GLU D 183 37.50 -12.59 6.28
C GLU D 183 38.44 -12.07 7.35
N ALA D 184 39.00 -10.87 7.16
CA ALA D 184 39.91 -10.31 8.15
C ALA D 184 39.24 -10.19 9.51
N LEU D 185 37.95 -9.83 9.53
CA LEU D 185 37.24 -9.66 10.79
C LEU D 185 37.02 -10.98 11.51
N GLN D 186 36.74 -12.06 10.77
CA GLN D 186 36.49 -13.35 11.42
C GLN D 186 37.77 -14.11 11.75
N ARG D 187 38.88 -13.81 11.07
CA ARG D 187 40.16 -14.34 11.55
C ARG D 187 40.59 -13.59 12.81
N LEU D 188 40.29 -12.29 12.89
CA LEU D 188 40.54 -11.52 14.08
C LEU D 188 39.63 -11.93 15.24
N SER D 189 38.42 -12.39 14.94
CA SER D 189 37.51 -12.87 15.97
C SER D 189 37.97 -14.20 16.59
N LYS D 190 39.01 -14.83 16.04
CA LYS D 190 39.49 -16.09 16.59
C LYS D 190 40.72 -15.90 17.46
N HIS D 191 41.29 -14.69 17.52
CA HIS D 191 42.40 -14.42 18.41
C HIS D 191 41.94 -14.40 19.87
N LYS D 192 42.92 -14.47 20.76
CA LYS D 192 42.65 -14.49 22.19
C LYS D 192 42.25 -13.08 22.62
N ILE D 193 41.66 -12.99 23.81
CA ILE D 193 40.98 -11.74 24.16
C ILE D 193 42.00 -10.59 24.20
N ARG D 194 43.20 -10.84 24.73
CA ARG D 194 44.16 -9.76 24.85
C ARG D 194 44.58 -9.23 23.49
N LYS D 195 44.66 -10.11 22.48
CA LYS D 195 45.07 -9.66 21.15
C LYS D 195 43.95 -8.86 20.48
N ARG D 196 42.70 -9.36 20.51
CA ARG D 196 41.55 -8.60 20.03
C ARG D 196 41.49 -7.22 20.66
N LEU D 197 41.77 -7.13 21.97
CA LEU D 197 41.66 -5.85 22.66
C LEU D 197 42.77 -4.89 22.23
N ILE D 198 43.96 -5.42 21.94
CA ILE D 198 45.05 -4.57 21.46
C ILE D 198 44.68 -3.97 20.10
N TYR D 199 44.17 -4.81 19.21
CA TYR D 199 43.84 -4.37 17.87
C TYR D 199 42.68 -3.38 17.89
N VAL D 200 41.65 -3.66 18.71
CA VAL D 200 40.53 -2.74 18.84
C VAL D 200 41.00 -1.39 19.37
N SER D 201 41.93 -1.38 20.33
CA SER D 201 42.45 -0.12 20.87
C SER D 201 43.13 0.70 19.79
N GLN D 202 43.88 0.04 18.91
CA GLN D 202 44.61 0.73 17.86
C GLN D 202 43.65 1.39 16.88
N HIS D 203 42.64 0.62 16.46
CA HIS D 203 41.68 1.14 15.50
C HIS D 203 40.76 2.19 16.12
N LYS D 204 40.44 2.07 17.40
CA LYS D 204 39.66 3.10 18.09
C LYS D 204 40.42 4.40 18.15
N LYS D 205 41.74 4.33 18.34
CA LYS D 205 42.55 5.54 18.41
C LYS D 205 42.63 6.23 17.06
N LYS D 206 42.60 5.46 15.97
CA LYS D 206 42.56 6.03 14.62
C LYS D 206 41.18 6.51 14.23
N MET D 207 40.17 6.23 15.04
CA MET D 207 38.80 6.57 14.71
C MET D 207 38.03 6.79 16.01
N PRO D 208 38.36 7.83 16.75
CA PRO D 208 37.69 8.05 18.04
C PRO D 208 36.21 8.23 17.84
N TRP D 209 35.45 7.82 18.86
CA TRP D 209 34.00 7.99 18.77
C TRP D 209 33.63 9.45 18.64
N SER D 210 34.48 10.34 19.17
CA SER D 210 34.22 11.78 19.14
C SER D 210 34.03 12.30 17.71
N LYS D 211 34.74 11.70 16.76
CA LYS D 211 34.53 12.07 15.36
C LYS D 211 33.14 11.69 14.89
N PHE D 212 32.70 10.47 15.23
CA PHE D 212 31.40 10.00 14.79
C PHE D 212 30.27 10.67 15.57
N ASN D 213 30.51 11.02 16.82
CA ASN D 213 29.53 11.83 17.53
C ASN D 213 29.31 13.15 16.82
N SER D 214 30.40 13.80 16.39
CA SER D 214 30.32 15.07 15.67
C SER D 214 29.66 14.90 14.31
N VAL D 215 30.10 13.91 13.53
CA VAL D 215 29.52 13.65 12.21
C VAL D 215 28.02 13.39 12.31
N LEU D 216 27.62 12.56 13.28
CA LEU D 216 26.21 12.20 13.42
C LEU D 216 25.36 13.39 13.86
N SER D 217 25.87 14.17 14.82
CA SER D 217 25.15 15.37 15.22
C SER D 217 24.95 16.32 14.05
N ARG D 218 26.02 16.52 13.27
CA ARG D 218 25.90 17.39 12.10
C ARG D 218 24.96 16.79 11.07
N TYR D 219 24.95 15.45 10.95
CA TYR D 219 23.99 14.82 10.04
C TYR D 219 22.56 15.11 10.48
N ILE D 220 22.28 14.96 11.78
CA ILE D 220 20.93 15.21 12.28
C ILE D 220 20.54 16.68 12.08
N GLN D 221 21.46 17.61 12.38
CA GLN D 221 21.13 19.03 12.26
C GLN D 221 20.93 19.45 10.80
N CYS D 222 21.79 18.96 9.91
CA CYS D 222 21.63 19.19 8.47
C CYS D 222 20.30 18.64 7.96
N THR D 223 19.95 17.42 8.39
CA THR D 223 18.68 16.83 7.96
C THR D 223 17.50 17.63 8.47
N LYS D 224 17.54 18.06 9.74
CA LYS D 224 16.48 18.91 10.31
C LYS D 224 16.33 20.21 9.53
N LEU D 225 17.45 20.83 9.17
CA LEU D 225 17.41 22.05 8.37
C LEU D 225 16.71 21.82 7.04
N GLN D 226 17.12 20.78 6.30
CA GLN D 226 16.50 20.48 5.01
C GLN D 226 15.02 20.17 5.14
N LEU D 227 14.65 19.39 6.15
CA LEU D 227 13.24 19.06 6.31
C LEU D 227 12.41 20.31 6.54
N GLU D 228 12.96 21.30 7.27
CA GLU D 228 12.22 22.53 7.50
C GLU D 228 12.19 23.42 6.24
N VAL D 229 13.35 23.62 5.60
CA VAL D 229 13.44 24.55 4.49
C VAL D 229 12.76 23.97 3.23
N PHE D 230 13.02 22.73 2.93
CA PHE D 230 12.46 22.11 1.75
C PHE D 230 11.25 21.23 1.85
N CYS D 231 10.99 20.61 3.00
CA CYS D 231 9.85 19.67 3.13
C CYS D 231 8.56 20.09 3.87
N ASP D 232 8.55 21.25 4.50
CA ASP D 232 7.38 21.75 5.23
C ASP D 232 7.31 21.48 6.76
N TYR D 233 8.20 20.64 7.29
CA TYR D 233 8.22 20.42 8.73
C TYR D 233 8.72 21.66 9.44
N ASP D 234 8.47 21.71 10.74
CA ASP D 234 9.11 22.69 11.61
C ASP D 234 9.97 21.91 12.60
N PHE D 235 11.30 22.11 12.51
CA PHE D 235 12.26 21.54 13.43
C PHE D 235 13.00 22.62 14.19
N LYS D 236 12.36 23.79 14.32
CA LYS D 236 12.89 24.90 15.08
C LYS D 236 14.26 25.31 14.56
N GLN D 237 14.42 25.30 13.25
CA GLN D 237 15.67 25.68 12.60
C GLN D 237 15.67 27.11 12.10
N ARG D 238 14.60 27.88 12.35
CA ARG D 238 14.47 29.24 11.80
C ARG D 238 15.75 30.07 12.02
N GLU D 239 16.31 30.03 13.22
CA GLU D 239 17.50 30.81 13.49
C GLU D 239 18.73 30.27 12.79
N ILE D 240 18.69 29.02 12.31
CA ILE D 240 19.79 28.52 11.47
C ILE D 240 19.53 28.88 10.02
N VAL D 241 18.26 28.92 9.59
CA VAL D 241 17.96 29.33 8.22
C VAL D 241 18.41 30.76 7.99
N LYS D 242 18.38 31.60 9.03
CA LYS D 242 18.90 32.97 8.90
C LYS D 242 20.41 32.98 8.78
N MET D 243 21.07 31.83 8.96
CA MET D 243 22.50 31.60 8.69
C MET D 243 23.35 32.25 9.76
N CYS E 4 -3.27 -8.78 8.86
CA CYS E 4 -2.18 -9.25 9.71
C CYS E 4 -2.68 -10.19 10.81
N GLU E 5 -1.73 -11.05 11.21
CA GLU E 5 -1.95 -12.28 11.98
C GLU E 5 -1.67 -12.06 13.47
N MET E 6 -0.72 -11.16 13.76
CA MET E 6 -0.62 -10.52 15.08
C MET E 6 -1.79 -9.59 15.39
N CYS E 7 -2.41 -8.99 14.37
CA CYS E 7 -3.60 -8.17 14.61
C CYS E 7 -4.77 -9.00 15.12
N ARG E 8 -4.97 -10.18 14.54
CA ARG E 8 -6.08 -11.05 14.95
C ARG E 8 -5.90 -11.61 16.36
N LEU E 9 -4.64 -11.84 16.73
CA LEU E 9 -4.33 -12.38 18.06
C LEU E 9 -4.29 -11.32 19.16
N GLY E 10 -4.45 -10.04 18.82
CA GLY E 10 -4.45 -8.94 19.77
C GLY E 10 -3.12 -8.62 20.39
N LEU E 11 -1.95 -9.18 19.80
CA LEU E 11 -0.61 -9.02 20.36
C LEU E 11 0.04 -7.73 19.83
N PRO E 12 0.81 -7.03 20.68
CA PRO E 12 1.47 -5.80 20.22
C PRO E 12 2.62 -6.10 19.25
N HIS E 13 2.72 -5.27 18.22
CA HIS E 13 3.74 -5.40 17.19
C HIS E 13 3.79 -4.10 16.40
N GLY E 14 4.77 -4.00 15.50
CA GLY E 14 4.93 -2.83 14.66
C GLY E 14 5.96 -1.86 15.22
N SER E 15 6.13 -0.77 14.46
CA SER E 15 7.22 0.17 14.70
C SER E 15 7.11 0.87 16.05
N PHE E 16 5.89 1.17 16.50
CA PHE E 16 5.77 1.89 17.77
C PHE E 16 6.09 0.97 18.95
N PHE E 17 5.66 -0.30 18.87
CA PHE E 17 6.03 -1.25 19.92
C PHE E 17 7.55 -1.45 19.96
N GLU E 18 8.20 -1.58 18.80
CA GLU E 18 9.66 -1.73 18.79
C GLU E 18 10.35 -0.48 19.33
N LEU E 19 9.83 0.70 19.00
CA LEU E 19 10.42 1.92 19.55
C LEU E 19 10.30 1.96 21.06
N LEU E 20 9.14 1.57 21.58
CA LEU E 20 8.94 1.50 23.02
C LEU E 20 9.98 0.60 23.68
N ARG E 21 10.15 -0.62 23.15
CA ARG E 21 11.09 -1.56 23.78
C ARG E 21 12.52 -1.04 23.74
N ASP E 22 12.93 -0.47 22.59
CA ASP E 22 14.29 0.08 22.46
C ASP E 22 14.48 1.29 23.34
N TRP E 23 13.47 2.15 23.43
CA TRP E 23 13.56 3.29 24.33
C TRP E 23 13.76 2.84 25.77
N LYS E 24 13.04 1.80 26.20
CA LYS E 24 13.21 1.31 27.57
C LYS E 24 14.63 0.81 27.81
N LYS E 25 15.17 0.02 26.87
CA LYS E 25 16.54 -0.48 27.01
C LYS E 25 17.52 0.65 27.27
N ILE E 26 17.43 1.71 26.48
CA ILE E 26 18.37 2.83 26.64
C ILE E 26 18.19 3.47 28.00
N GLU E 27 16.94 3.71 28.39
CA GLU E 27 16.68 4.40 29.64
C GLU E 27 17.17 3.60 30.83
N GLU E 28 16.95 2.28 30.81
CA GLU E 28 17.44 1.44 31.91
C GLU E 28 18.96 1.42 31.96
N PHE E 29 19.61 1.36 30.80
CA PHE E 29 21.07 1.39 30.76
C PHE E 29 21.61 2.68 31.36
N ARG E 30 20.95 3.81 31.12
CA ARG E 30 21.42 5.08 31.65
C ARG E 30 21.10 5.27 33.13
N ASN E 31 20.22 4.44 33.72
CA ASN E 31 19.90 4.54 35.15
C ASN E 31 20.79 3.66 36.02
N LYS E 32 21.37 2.61 35.45
CA LYS E 32 22.36 1.77 36.11
C LYS E 32 23.71 2.48 36.28
N ASP F 2 30.83 28.13 0.77
CA ASP F 2 29.77 27.26 0.25
C ASP F 2 29.86 25.86 0.88
N ASN F 3 30.53 25.80 2.05
CA ASN F 3 30.48 24.68 2.96
C ASN F 3 29.69 25.10 4.19
N ILE F 4 28.77 24.26 4.63
CA ILE F 4 27.79 24.61 5.66
C ILE F 4 27.92 23.70 6.88
N PHE F 5 27.95 22.38 6.67
CA PHE F 5 28.06 21.39 7.74
C PHE F 5 29.27 20.49 7.63
N VAL F 6 29.88 20.36 6.45
CA VAL F 6 31.14 19.67 6.27
C VAL F 6 32.24 20.72 6.16
N LYS F 7 33.31 20.53 6.92
CA LYS F 7 34.42 21.48 6.89
C LYS F 7 35.19 21.32 5.58
N PRO F 8 35.71 22.42 5.02
CA PRO F 8 36.44 22.34 3.74
C PRO F 8 37.72 21.52 3.91
N GLY F 9 37.81 20.41 3.20
CA GLY F 9 38.92 19.49 3.37
C GLY F 9 38.78 18.49 4.49
N GLU F 10 37.56 18.26 4.98
CA GLU F 10 37.33 17.30 6.07
C GLU F 10 37.37 15.87 5.55
N ASP F 11 38.04 14.99 6.29
CA ASP F 11 38.24 13.60 5.87
C ASP F 11 37.13 12.74 6.47
N LEU F 12 36.16 12.37 5.62
CA LEU F 12 35.03 11.53 6.00
C LEU F 12 35.17 10.11 5.46
N GLU F 13 36.38 9.70 5.10
CA GLU F 13 36.64 8.36 4.62
C GLU F 13 37.04 7.47 5.78
N ILE F 14 36.57 6.23 5.77
CA ILE F 14 36.80 5.31 6.87
C ILE F 14 37.82 4.27 6.41
N PRO F 15 39.00 4.19 7.03
CA PRO F 15 39.93 3.11 6.72
C PRO F 15 39.29 1.76 6.93
N LEU F 16 39.54 0.85 5.98
CA LEU F 16 39.11 -0.53 6.18
C LEU F 16 39.94 -1.17 7.29
N LEU F 17 39.52 -2.36 7.70
CA LEU F 17 40.19 -3.03 8.80
C LEU F 17 41.39 -3.82 8.28
N SER F 18 42.11 -4.48 9.19
CA SER F 18 43.35 -5.17 8.84
C SER F 18 43.34 -6.54 9.52
N ASP F 19 44.51 -7.19 9.57
CA ASP F 19 44.65 -8.47 10.26
C ASP F 19 46.12 -8.67 10.62
N TYR F 20 46.35 -9.45 11.68
CA TYR F 20 47.70 -9.77 12.14
C TYR F 20 47.89 -11.27 12.34
N SER G 1 -12.60 -14.70 -13.40
CA SER G 1 -12.93 -14.26 -14.76
C SER G 1 -11.95 -14.90 -15.75
N ASN G 2 -12.48 -15.56 -16.77
CA ASN G 2 -11.58 -16.10 -17.78
C ASN G 2 -10.93 -14.98 -18.59
N GLU G 3 -11.64 -13.87 -18.82
CA GLU G 3 -11.04 -12.73 -19.52
C GLU G 3 -9.84 -12.18 -18.76
N LYS G 4 -9.96 -12.07 -17.43
CA LYS G 4 -8.83 -11.61 -16.63
C LYS G 4 -7.63 -12.55 -16.75
N ILE G 5 -7.88 -13.86 -16.71
CA ILE G 5 -6.78 -14.82 -16.85
C ILE G 5 -6.14 -14.67 -18.22
N ARG G 6 -6.95 -14.48 -19.26
CA ARG G 6 -6.41 -14.24 -20.60
C ARG G 6 -5.64 -12.92 -20.66
N SER G 7 -6.16 -11.87 -20.04
CA SER G 7 -5.43 -10.60 -20.01
C SER G 7 -4.09 -10.73 -19.30
N GLN G 8 -4.05 -11.42 -18.15
CA GLN G 8 -2.78 -11.61 -17.43
C GLN G 8 -1.80 -12.40 -18.29
N SER G 9 -2.29 -13.40 -19.02
CA SER G 9 -1.41 -14.13 -19.92
C SER G 9 -0.91 -13.24 -21.05
N VAL G 10 -1.75 -12.34 -21.57
CA VAL G 10 -1.26 -11.36 -22.56
C VAL G 10 -0.15 -10.49 -21.97
N LEU G 11 -0.30 -10.08 -20.70
CA LEU G 11 0.75 -9.29 -20.06
C LEU G 11 2.07 -10.06 -20.00
N ASN G 12 1.99 -11.35 -19.64
CA ASN G 12 3.19 -12.19 -19.57
C ASN G 12 3.87 -12.31 -20.93
N THR G 13 3.09 -12.42 -22.01
CA THR G 13 3.70 -12.42 -23.34
C THR G 13 4.40 -11.09 -23.63
N LEU G 14 3.77 -9.97 -23.28
CA LEU G 14 4.40 -8.67 -23.52
C LEU G 14 5.71 -8.53 -22.76
N GLU G 15 5.77 -9.11 -21.54
CA GLU G 15 6.99 -9.10 -20.74
C GLU G 15 8.18 -9.65 -21.51
N THR G 16 7.97 -10.76 -22.23
CA THR G 16 9.06 -11.35 -23.01
C THR G 16 9.41 -10.52 -24.22
N PHE G 17 8.52 -9.62 -24.66
CA PHE G 17 8.91 -8.72 -25.74
C PHE G 17 9.46 -7.39 -25.22
N PHE G 18 9.00 -6.93 -24.05
CA PHE G 18 9.29 -5.56 -23.63
C PHE G 18 10.54 -5.43 -22.76
N ILE G 19 10.76 -6.35 -21.83
CA ILE G 19 11.83 -6.22 -20.85
C ILE G 19 13.16 -6.49 -21.54
N LYS G 20 14.07 -5.53 -21.45
CA LYS G 20 15.35 -5.56 -22.13
C LYS G 20 16.47 -5.29 -21.14
N GLU G 21 17.65 -5.83 -21.46
CA GLU G 21 18.87 -5.44 -20.77
C GLU G 21 19.16 -3.96 -20.98
N ASN G 22 19.09 -3.50 -22.23
CA ASN G 22 19.14 -2.08 -22.55
C ASN G 22 17.71 -1.59 -22.76
N HIS G 23 17.50 -0.71 -23.74
CA HIS G 23 16.20 -0.09 -23.92
C HIS G 23 15.38 -0.77 -25.01
N TYR G 24 14.09 -0.90 -24.76
CA TYR G 24 13.19 -1.45 -25.76
C TYR G 24 13.08 -0.53 -26.97
N ASP G 25 12.88 -1.15 -28.14
CA ASP G 25 12.51 -0.43 -29.35
C ASP G 25 11.63 -1.35 -30.19
N MET G 26 10.69 -0.76 -30.93
CA MET G 26 9.78 -1.56 -31.72
C MET G 26 10.50 -2.11 -32.93
N GLN G 27 10.47 -3.43 -33.05
CA GLN G 27 10.95 -4.12 -34.23
C GLN G 27 9.72 -4.38 -35.11
N ARG G 28 9.89 -4.24 -36.41
CA ARG G 28 8.81 -4.44 -37.36
C ARG G 28 8.31 -5.88 -37.34
N GLU G 29 9.21 -6.81 -37.07
CA GLU G 29 8.84 -8.22 -37.01
C GLU G 29 8.02 -8.52 -35.78
N GLU G 30 8.13 -7.70 -34.74
CA GLU G 30 7.35 -7.85 -33.52
C GLU G 30 6.11 -6.97 -33.50
N SER G 31 5.96 -6.10 -34.49
CA SER G 31 4.92 -5.07 -34.45
C SER G 31 3.51 -5.67 -34.38
N SER G 32 3.22 -6.68 -35.20
CA SER G 32 1.84 -7.19 -35.23
C SER G 32 1.47 -7.88 -33.92
N ILE G 33 2.39 -8.67 -33.35
CA ILE G 33 2.08 -9.35 -32.09
C ILE G 33 2.00 -8.33 -30.94
N VAL G 34 2.95 -7.40 -30.86
CA VAL G 34 2.91 -6.38 -29.80
C VAL G 34 1.62 -5.57 -29.88
N ASN G 35 1.29 -5.06 -31.08
CA ASN G 35 0.07 -4.26 -31.25
C ASN G 35 -1.19 -5.05 -30.91
N ALA G 36 -1.28 -6.30 -31.39
CA ALA G 36 -2.44 -7.13 -31.06
C ALA G 36 -2.56 -7.34 -29.55
N CYS G 37 -1.45 -7.53 -28.84
CA CYS G 37 -1.48 -7.65 -27.38
C CYS G 37 -1.96 -6.36 -26.73
N LEU G 38 -1.37 -5.22 -27.13
CA LEU G 38 -1.76 -3.93 -26.57
C LEU G 38 -3.22 -3.64 -26.82
N ARG G 39 -3.70 -3.91 -28.05
CA ARG G 39 -5.10 -3.66 -28.37
C ARG G 39 -6.02 -4.55 -27.54
N TYR G 40 -5.65 -5.83 -27.38
CA TYR G 40 -6.48 -6.72 -26.56
C TYR G 40 -6.58 -6.19 -25.13
N LEU G 41 -5.45 -5.80 -24.53
CA LEU G 41 -5.51 -5.27 -23.17
C LEU G 41 -6.29 -3.95 -23.13
N GLY G 42 -6.13 -3.13 -24.18
CA GLY G 42 -6.76 -1.82 -24.20
C GLY G 42 -8.27 -1.85 -24.28
N TYR G 43 -8.84 -2.92 -24.82
CA TYR G 43 -10.30 -3.09 -24.87
C TYR G 43 -10.82 -4.14 -23.91
N SER G 44 -9.95 -4.72 -23.10
CA SER G 44 -10.36 -5.74 -22.14
C SER G 44 -11.07 -5.08 -20.97
N LYS G 45 -12.39 -5.30 -20.89
CA LYS G 45 -13.20 -4.66 -19.86
C LYS G 45 -12.73 -4.97 -18.44
N SER G 46 -12.04 -6.08 -18.25
CA SER G 46 -11.59 -6.42 -16.91
C SER G 46 -10.24 -5.78 -16.54
N MET G 47 -9.56 -5.12 -17.48
CA MET G 47 -8.30 -4.46 -17.16
C MET G 47 -8.46 -2.96 -16.93
N CYS G 48 -9.69 -2.45 -17.03
CA CYS G 48 -9.91 -0.99 -17.01
C CYS G 48 -9.41 -0.34 -15.72
N HIS G 49 -9.50 -1.04 -14.59
CA HIS G 49 -9.06 -0.49 -13.32
C HIS G 49 -7.95 -1.31 -12.70
N GLU G 50 -7.29 -2.13 -13.49
CA GLU G 50 -6.12 -2.81 -13.00
C GLU G 50 -4.94 -1.87 -13.08
N LYS G 51 -3.99 -2.06 -12.17
CA LYS G 51 -2.79 -1.26 -12.17
C LYS G 51 -1.84 -1.69 -13.30
N MET G 52 -1.27 -0.72 -13.97
CA MET G 52 -0.31 -0.97 -15.04
C MET G 52 0.98 -1.52 -14.47
N PRO G 53 1.45 -2.69 -14.89
CA PRO G 53 2.75 -3.19 -14.41
C PRO G 53 3.86 -2.22 -14.80
N ILE G 54 4.86 -2.11 -13.93
CA ILE G 54 5.89 -1.10 -14.14
C ILE G 54 6.71 -1.38 -15.40
N PHE G 55 6.88 -2.65 -15.80
CA PHE G 55 7.67 -2.92 -17.00
C PHE G 55 7.01 -2.31 -18.23
N MET G 56 5.69 -2.14 -18.20
CA MET G 56 5.00 -1.53 -19.35
C MET G 56 5.22 -0.02 -19.42
N ASP G 57 5.11 0.68 -18.29
CA ASP G 57 5.44 2.10 -18.28
C ASP G 57 6.88 2.33 -18.72
N ILE G 58 7.81 1.48 -18.26
CA ILE G 58 9.21 1.62 -18.62
C ILE G 58 9.40 1.44 -20.13
N ALA G 59 8.78 0.40 -20.69
CA ALA G 59 8.86 0.19 -22.13
C ALA G 59 8.23 1.37 -22.88
N PHE G 60 7.13 1.91 -22.36
CA PHE G 60 6.53 3.08 -23.00
C PHE G 60 7.50 4.25 -23.04
N ILE G 61 8.13 4.54 -21.90
CA ILE G 61 9.07 5.66 -21.83
C ILE G 61 10.23 5.44 -22.80
N GLU G 62 10.76 4.20 -22.82
CA GLU G 62 11.84 3.89 -23.75
C GLU G 62 11.41 4.09 -25.20
N TYR G 63 10.18 3.68 -25.53
CA TYR G 63 9.69 3.79 -26.90
C TYR G 63 9.38 5.25 -27.23
N CYS G 64 8.63 5.92 -26.34
CA CYS G 64 8.21 7.30 -26.56
C CYS G 64 9.39 8.23 -26.83
N PHE G 65 10.44 8.15 -26.01
CA PHE G 65 11.58 9.04 -26.15
C PHE G 65 12.72 8.41 -26.92
N ASN G 66 12.49 7.23 -27.49
CA ASN G 66 13.43 6.58 -28.39
C ASN G 66 14.78 6.36 -27.71
N LEU G 67 14.75 5.87 -26.47
CA LEU G 67 15.97 5.75 -25.67
C LEU G 67 16.98 4.78 -26.27
N SER G 68 16.57 3.90 -27.19
CA SER G 68 17.50 2.99 -27.85
C SER G 68 18.56 3.70 -28.69
N LEU G 69 18.29 4.93 -29.13
CA LEU G 69 19.20 5.68 -30.00
C LEU G 69 20.01 6.74 -29.27
N ASP G 70 21.17 7.05 -29.87
CA ASP G 70 21.96 8.23 -29.50
C ASP G 70 22.56 8.83 -30.77
N PRO G 71 21.78 9.63 -31.52
CA PRO G 71 22.23 10.25 -32.77
C PRO G 71 23.18 11.43 -32.53
N SER G 86 15.64 14.38 -34.84
CA SER G 86 16.78 13.48 -34.66
C SER G 86 16.32 12.09 -34.22
N GLN G 87 15.64 12.03 -33.06
CA GLN G 87 15.17 10.78 -32.49
C GLN G 87 13.69 10.54 -32.70
N GLN G 88 13.00 11.45 -33.40
CA GLN G 88 11.60 11.27 -33.72
C GLN G 88 10.74 11.17 -32.45
N ILE G 89 10.85 12.16 -31.57
CA ILE G 89 9.93 12.31 -30.45
C ILE G 89 8.74 13.13 -30.92
N LEU G 90 7.53 12.63 -30.63
CA LEU G 90 6.28 13.33 -30.93
C LEU G 90 5.98 14.25 -29.75
N TRP G 91 6.35 15.52 -29.89
CA TRP G 91 6.03 16.50 -28.87
C TRP G 91 4.58 16.88 -29.12
N GLU G 92 3.68 16.12 -28.52
CA GLU G 92 2.27 16.42 -28.56
C GLU G 92 1.83 16.47 -27.11
N TYR G 93 1.06 17.51 -26.78
CA TYR G 93 0.74 17.83 -25.39
C TYR G 93 0.14 16.64 -24.65
N SER G 94 -0.87 15.98 -25.25
CA SER G 94 -1.57 14.91 -24.55
C SER G 94 -0.64 13.71 -24.32
N LEU G 95 0.13 13.33 -25.35
CA LEU G 95 1.05 12.21 -25.23
C LEU G 95 2.12 12.48 -24.18
N ILE G 96 2.76 13.66 -24.24
CA ILE G 96 3.85 13.98 -23.31
C ILE G 96 3.33 14.12 -21.89
N SER G 97 2.12 14.64 -21.72
CA SER G 97 1.52 14.68 -20.39
C SER G 97 1.31 13.26 -19.83
N ASN G 98 0.82 12.33 -20.67
CA ASN G 98 0.69 10.93 -20.22
C ASN G 98 2.04 10.30 -19.91
N ALA G 99 3.05 10.58 -20.74
CA ALA G 99 4.38 10.06 -20.48
C ALA G 99 4.92 10.55 -19.13
N LEU G 100 4.68 11.83 -18.79
CA LEU G 100 5.15 12.34 -17.50
C LEU G 100 4.42 11.68 -16.35
N GLU G 101 3.13 11.38 -16.53
CA GLU G 101 2.40 10.67 -15.50
C GLU G 101 2.94 9.23 -15.34
N ARG G 102 3.27 8.58 -16.45
CA ARG G 102 3.87 7.25 -16.39
C ARG G 102 5.27 7.31 -15.79
N LEU G 103 6.04 8.35 -16.08
CA LEU G 103 7.36 8.47 -15.47
C LEU G 103 7.23 8.62 -13.96
N GLU G 104 6.24 9.38 -13.54
CA GLU G 104 5.97 9.55 -12.12
C GLU G 104 5.53 8.24 -11.47
N ASN G 105 4.70 7.42 -12.15
CA ASN G 105 4.36 6.11 -11.61
C ASN G 105 5.59 5.25 -11.42
N ILE G 106 6.53 5.29 -12.38
CA ILE G 106 7.77 4.52 -12.25
C ILE G 106 8.54 4.97 -11.00
N GLU G 107 8.68 6.29 -10.84
CA GLU G 107 9.47 6.82 -9.74
C GLU G 107 8.82 6.49 -8.39
N LEU G 108 7.49 6.50 -8.32
CA LEU G 108 6.83 6.17 -7.07
C LEU G 108 7.01 4.70 -6.73
N GLU G 109 6.96 3.84 -7.74
CA GLU G 109 7.27 2.43 -7.49
C GLU G 109 8.72 2.24 -7.08
N ARG G 110 9.65 2.94 -7.74
CA ARG G 110 11.05 2.83 -7.35
C ARG G 110 11.25 3.25 -5.90
N GLN G 111 10.63 4.37 -5.50
CA GLN G 111 10.76 4.86 -4.13
C GLN G 111 10.25 3.83 -3.12
N ASN G 112 9.07 3.25 -3.37
CA ASN G 112 8.54 2.23 -2.46
C ASN G 112 9.45 1.01 -2.37
N CYS G 113 9.97 0.56 -3.51
CA CYS G 113 10.95 -0.51 -3.47
C CYS G 113 12.12 -0.18 -2.54
N MET G 114 12.66 1.04 -2.61
CA MET G 114 13.82 1.36 -1.80
C MET G 114 13.47 1.40 -0.31
N ARG G 115 12.23 1.76 0.02
CA ARG G 115 11.81 1.95 1.41
C ARG G 115 11.52 0.64 2.15
N GLU G 116 11.28 -0.46 1.44
CA GLU G 116 11.02 -1.73 2.12
C GLU G 116 12.23 -2.67 2.07
N LEU G 127 25.94 -5.80 -2.54
CA LEU G 127 26.52 -5.45 -3.85
C LEU G 127 26.26 -4.00 -4.26
N LEU G 128 25.25 -3.35 -3.69
CA LEU G 128 24.91 -1.97 -3.99
C LEU G 128 24.44 -1.27 -2.72
N ASN G 129 24.63 0.05 -2.66
CA ASN G 129 24.26 0.85 -1.51
C ASN G 129 22.97 1.60 -1.79
N LYS G 130 22.00 1.43 -0.89
CA LYS G 130 20.67 2.00 -1.09
C LYS G 130 20.69 3.53 -1.11
N GLU G 131 21.41 4.15 -0.17
CA GLU G 131 21.36 5.61 -0.09
C GLU G 131 21.97 6.26 -1.32
N THR G 132 23.01 5.64 -1.88
CA THR G 132 23.64 6.16 -3.09
C THR G 132 22.74 6.00 -4.31
N LEU G 133 22.14 4.82 -4.48
CA LEU G 133 21.29 4.56 -5.63
C LEU G 133 20.02 5.40 -5.58
N ASN G 134 19.43 5.56 -4.40
CA ASN G 134 18.23 6.39 -4.30
C ASN G 134 18.57 7.83 -4.71
N ASN G 135 19.69 8.36 -4.22
CA ASN G 135 20.09 9.74 -4.54
C ASN G 135 20.37 9.92 -6.04
N GLU G 136 21.03 8.94 -6.67
CA GLU G 136 21.31 9.05 -8.09
C GLU G 136 20.02 9.03 -8.90
N ALA G 137 19.13 8.08 -8.61
CA ALA G 137 17.86 8.02 -9.32
C ALA G 137 17.06 9.31 -9.16
N LEU G 138 17.03 9.86 -7.93
CA LEU G 138 16.26 11.08 -7.68
C LEU G 138 16.80 12.26 -8.48
N LYS G 139 18.14 12.36 -8.58
CA LYS G 139 18.72 13.48 -9.32
C LYS G 139 18.48 13.32 -10.82
N LEU G 140 18.67 12.11 -11.35
CA LEU G 140 18.38 11.86 -12.76
C LEU G 140 16.90 12.07 -13.06
N TYR G 141 16.02 11.60 -12.17
CA TYR G 141 14.58 11.78 -12.39
C TYR G 141 14.22 13.25 -12.50
N SER G 142 14.69 14.02 -11.53
CA SER G 142 14.37 15.44 -11.47
C SER G 142 14.91 16.17 -12.71
N CYS G 143 16.10 15.82 -13.16
CA CYS G 143 16.66 16.40 -14.38
C CYS G 143 15.84 15.99 -15.61
N ALA G 144 15.56 14.68 -15.77
CA ALA G 144 14.79 14.20 -16.91
C ALA G 144 13.42 14.86 -16.96
N LYS G 145 12.73 14.93 -15.83
CA LYS G 145 11.40 15.49 -15.82
C LYS G 145 11.40 16.96 -16.26
N ALA G 146 12.35 17.75 -15.74
CA ALA G 146 12.44 19.16 -16.09
C ALA G 146 12.78 19.33 -17.56
N GLY G 147 13.61 18.46 -18.10
CA GLY G 147 13.93 18.52 -19.53
C GLY G 147 12.73 18.23 -20.42
N ILE G 148 11.93 17.22 -20.08
CA ILE G 148 10.74 16.90 -20.86
C ILE G 148 9.75 18.07 -20.83
N CYS G 149 9.50 18.62 -19.62
CA CYS G 149 8.58 19.77 -19.51
C CYS G 149 9.09 20.98 -20.28
N ARG G 150 10.40 21.26 -20.20
CA ARG G 150 10.98 22.39 -20.90
C ARG G 150 10.84 22.24 -22.42
N TRP G 151 11.11 21.05 -22.93
CA TRP G 151 11.01 20.84 -24.39
C TRP G 151 9.57 20.79 -24.86
N MET G 152 8.63 20.32 -24.03
CA MET G 152 7.22 20.46 -24.34
C MET G 152 6.83 21.94 -24.40
N ALA G 153 7.31 22.73 -23.44
CA ALA G 153 7.04 24.17 -23.47
C ALA G 153 7.63 24.82 -24.71
N PHE G 154 8.88 24.46 -25.06
CA PHE G 154 9.49 24.97 -26.29
C PHE G 154 8.61 24.69 -27.52
N HIS G 155 8.10 23.46 -27.64
CA HIS G 155 7.28 23.12 -28.80
C HIS G 155 6.03 23.99 -28.85
N PHE G 156 5.35 24.17 -27.70
CA PHE G 156 4.20 25.07 -27.63
C PHE G 156 4.57 26.47 -28.13
N LEU G 157 5.70 27.01 -27.65
CA LEU G 157 6.13 28.36 -27.98
C LEU G 157 6.54 28.54 -29.44
N GLU G 158 6.82 27.45 -30.15
CA GLU G 158 7.26 27.50 -31.54
C GLU G 158 6.13 27.41 -32.56
N GLN G 159 4.88 27.37 -32.11
CA GLN G 159 3.74 27.34 -32.99
C GLN G 159 3.14 28.74 -33.12
N GLU G 160 2.44 28.97 -34.21
CA GLU G 160 1.81 30.26 -34.46
C GLU G 160 0.47 30.06 -35.18
N PRO G 161 -0.64 30.36 -34.50
CA PRO G 161 -0.72 30.91 -33.13
C PRO G 161 -0.46 29.88 -32.04
N ILE G 162 -0.14 30.35 -30.83
CA ILE G 162 0.07 29.48 -29.69
C ILE G 162 -1.26 28.90 -29.24
N ASP G 163 -1.26 27.63 -28.87
CA ASP G 163 -2.41 27.00 -28.22
C ASP G 163 -2.37 27.32 -26.74
N HIS G 164 -2.92 28.48 -26.38
CA HIS G 164 -2.73 29.02 -25.02
C HIS G 164 -3.45 28.19 -23.97
N ILE G 165 -4.59 27.60 -24.32
CA ILE G 165 -5.35 26.85 -23.34
C ILE G 165 -4.58 25.60 -22.91
N ASN G 166 -4.16 24.79 -23.88
CA ASN G 166 -3.38 23.60 -23.56
C ASN G 166 -2.00 23.95 -23.01
N PHE G 167 -1.41 25.03 -23.51
CA PHE G 167 -0.14 25.51 -22.93
C PHE G 167 -0.29 25.78 -21.44
N THR G 168 -1.37 26.49 -21.08
CA THR G 168 -1.60 26.83 -19.68
C THR G 168 -1.87 25.59 -18.82
N LYS G 169 -2.82 24.75 -19.25
CA LYS G 169 -3.10 23.49 -18.57
C LYS G 169 -1.83 22.67 -18.35
N PHE G 170 -0.99 22.55 -19.40
CA PHE G 170 0.21 21.74 -19.27
C PHE G 170 1.14 22.28 -18.19
N LEU G 171 1.30 23.60 -18.11
CA LEU G 171 2.24 24.12 -17.13
C LEU G 171 1.71 24.02 -15.70
N GLN G 172 0.40 24.16 -15.50
CA GLN G 172 -0.16 23.92 -14.17
C GLN G 172 0.08 22.48 -13.73
N ASP G 173 -0.17 21.51 -14.62
CA ASP G 173 0.00 20.10 -14.24
C ASP G 173 1.46 19.76 -13.96
N TRP G 174 2.38 20.30 -14.75
CA TRP G 174 3.77 19.83 -14.75
C TRP G 174 4.81 20.93 -14.62
N GLY G 175 4.46 22.20 -14.79
CA GLY G 175 5.43 23.27 -14.64
C GLY G 175 5.68 23.52 -13.16
N GLU G 179 5.82 29.02 -8.84
CA GLU G 179 7.15 29.57 -9.11
C GLU G 179 7.03 30.97 -9.72
N LYS G 180 8.06 31.79 -9.48
CA LYS G 180 8.10 33.13 -10.06
C LYS G 180 8.11 33.06 -11.58
N GLU G 181 9.12 32.40 -12.16
CA GLU G 181 9.31 32.40 -13.59
C GLU G 181 8.36 31.46 -14.32
N MET G 182 7.29 31.01 -13.65
CA MET G 182 6.08 30.64 -14.36
C MET G 182 5.46 31.87 -15.00
N GLU G 183 5.62 33.04 -14.37
CA GLU G 183 5.15 34.26 -14.99
C GLU G 183 6.05 34.64 -16.17
N ALA G 184 7.35 34.33 -16.10
CA ALA G 184 8.25 34.55 -17.23
C ALA G 184 7.80 33.74 -18.45
N LEU G 185 7.35 32.51 -18.24
CA LEU G 185 6.94 31.69 -19.37
C LEU G 185 5.71 32.26 -20.04
N GLN G 186 4.81 32.80 -19.22
CA GLN G 186 3.58 33.40 -19.70
C GLN G 186 3.98 34.61 -20.53
N ARG G 187 4.63 35.55 -19.87
CA ARG G 187 5.10 36.74 -20.59
C ARG G 187 5.64 36.37 -21.96
N LEU G 188 6.44 35.30 -22.03
CA LEU G 188 7.09 34.92 -23.27
C LEU G 188 6.10 34.34 -24.28
N SER G 189 5.01 33.71 -23.82
CA SER G 189 4.02 33.25 -24.78
C SER G 189 3.31 34.41 -25.46
N LYS G 190 3.46 35.63 -24.94
CA LYS G 190 2.83 36.82 -25.50
C LYS G 190 3.72 37.57 -26.48
N HIS G 191 5.04 37.33 -26.47
CA HIS G 191 5.92 37.90 -27.48
C HIS G 191 5.52 37.39 -28.86
N LYS G 192 5.97 38.12 -29.88
CA LYS G 192 5.66 37.76 -31.25
C LYS G 192 6.51 36.56 -31.67
N ILE G 193 6.12 35.93 -32.79
CA ILE G 193 6.65 34.63 -33.15
C ILE G 193 8.16 34.70 -33.34
N ARG G 194 8.67 35.75 -33.99
CA ARG G 194 10.11 35.84 -34.21
C ARG G 194 10.88 35.91 -32.89
N LYS G 195 10.36 36.67 -31.92
CA LYS G 195 11.05 36.79 -30.64
C LYS G 195 11.05 35.45 -29.89
N ARG G 196 9.88 34.79 -29.83
CA ARG G 196 9.80 33.46 -29.22
C ARG G 196 10.80 32.49 -29.84
N LEU G 197 10.92 32.51 -31.16
CA LEU G 197 11.79 31.54 -31.84
C LEU G 197 13.26 31.81 -31.55
N ILE G 198 13.65 33.08 -31.44
CA ILE G 198 15.03 33.41 -31.07
C ILE G 198 15.32 32.91 -29.66
N TYR G 199 14.39 33.14 -28.74
CA TYR G 199 14.60 32.74 -27.35
C TYR G 199 14.63 31.23 -27.22
N VAL G 200 13.71 30.55 -27.89
CA VAL G 200 13.69 29.09 -27.83
C VAL G 200 14.99 28.52 -28.39
N SER G 201 15.49 29.08 -29.50
CA SER G 201 16.74 28.60 -30.10
C SER G 201 17.92 28.75 -29.14
N GLN G 202 18.00 29.89 -28.46
CA GLN G 202 19.09 30.07 -27.51
C GLN G 202 18.99 29.09 -26.35
N HIS G 203 17.80 28.90 -25.79
CA HIS G 203 17.67 27.98 -24.68
C HIS G 203 17.85 26.52 -25.12
N LYS G 204 17.43 26.16 -26.34
CA LYS G 204 17.71 24.81 -26.83
C LYS G 204 19.21 24.56 -26.97
N LYS G 205 20.00 25.61 -27.27
CA LYS G 205 21.44 25.45 -27.34
C LYS G 205 22.08 25.38 -25.95
N LYS G 206 21.49 26.03 -24.94
CA LYS G 206 21.99 25.92 -23.57
C LYS G 206 21.69 24.57 -22.91
N MET G 207 20.73 23.81 -23.41
CA MET G 207 20.37 22.51 -22.81
C MET G 207 19.88 21.59 -23.92
N PRO G 208 20.79 21.04 -24.70
CA PRO G 208 20.40 20.27 -25.88
C PRO G 208 19.64 19.03 -25.47
N TRP G 209 18.77 18.55 -26.36
CA TRP G 209 18.00 17.36 -26.04
C TRP G 209 18.91 16.17 -25.75
N SER G 210 20.11 16.13 -26.33
CA SER G 210 21.00 14.99 -26.11
C SER G 210 21.33 14.80 -24.64
N LYS G 211 21.42 15.90 -23.89
CA LYS G 211 21.68 15.82 -22.45
C LYS G 211 20.54 15.12 -21.72
N PHE G 212 19.29 15.46 -22.05
CA PHE G 212 18.15 14.86 -21.37
C PHE G 212 17.92 13.44 -21.85
N ASN G 213 18.29 13.13 -23.09
CA ASN G 213 18.25 11.75 -23.56
C ASN G 213 19.15 10.87 -22.70
N SER G 214 20.36 11.31 -22.42
CA SER G 214 21.29 10.52 -21.60
C SER G 214 20.79 10.38 -20.17
N VAL G 215 20.33 11.49 -19.58
CA VAL G 215 19.81 11.49 -18.20
C VAL G 215 18.62 10.55 -18.07
N LEU G 216 17.69 10.62 -19.02
CA LEU G 216 16.51 9.78 -18.97
C LEU G 216 16.87 8.31 -19.18
N SER G 217 17.78 8.02 -20.11
CA SER G 217 18.26 6.66 -20.25
C SER G 217 18.90 6.15 -18.95
N ARG G 218 19.77 6.96 -18.34
CA ARG G 218 20.43 6.56 -17.11
C ARG G 218 19.43 6.43 -15.98
N TYR G 219 18.39 7.26 -15.97
CA TYR G 219 17.34 7.11 -14.96
C TYR G 219 16.65 5.76 -15.10
N ILE G 220 16.32 5.38 -16.33
CA ILE G 220 15.63 4.11 -16.57
C ILE G 220 16.52 2.93 -16.18
N GLN G 221 17.80 2.99 -16.54
CA GLN G 221 18.71 1.88 -16.26
C GLN G 221 18.98 1.77 -14.76
N CYS G 222 19.14 2.92 -14.08
CA CYS G 222 19.29 2.98 -12.64
C CYS G 222 18.07 2.37 -11.95
N THR G 223 16.88 2.76 -12.39
CA THR G 223 15.66 2.22 -11.81
C THR G 223 15.57 0.70 -12.02
N LYS G 224 15.90 0.22 -13.22
CA LYS G 224 15.88 -1.22 -13.51
C LYS G 224 16.81 -1.99 -12.57
N LEU G 225 18.03 -1.47 -12.37
CA LEU G 225 19.01 -2.12 -11.51
C LEU G 225 18.49 -2.20 -10.07
N GLN G 226 18.03 -1.08 -9.51
CA GLN G 226 17.50 -1.06 -8.15
C GLN G 226 16.34 -2.02 -7.97
N LEU G 227 15.43 -2.04 -8.93
CA LEU G 227 14.27 -2.92 -8.78
C LEU G 227 14.69 -4.38 -8.77
N GLU G 228 15.68 -4.75 -9.60
CA GLU G 228 16.11 -6.15 -9.66
C GLU G 228 16.90 -6.52 -8.42
N VAL G 229 17.84 -5.66 -8.02
CA VAL G 229 18.74 -6.00 -6.92
C VAL G 229 17.99 -6.02 -5.59
N PHE G 230 17.14 -5.03 -5.33
CA PHE G 230 16.53 -4.88 -4.01
C PHE G 230 15.11 -5.43 -3.87
N CYS G 231 14.32 -5.53 -4.95
CA CYS G 231 12.98 -6.10 -4.85
C CYS G 231 12.76 -7.30 -5.76
N ASP G 232 13.81 -7.82 -6.38
CA ASP G 232 13.74 -9.04 -7.20
C ASP G 232 12.62 -8.98 -8.24
N TYR G 233 12.56 -7.88 -8.96
CA TYR G 233 11.98 -7.89 -10.28
C TYR G 233 13.05 -8.48 -11.17
N ASP G 234 12.69 -8.92 -12.37
CA ASP G 234 13.75 -9.30 -13.29
C ASP G 234 13.65 -8.36 -14.47
N PHE G 235 14.66 -7.52 -14.62
CA PHE G 235 14.82 -6.58 -15.71
C PHE G 235 16.07 -6.89 -16.49
N LYS G 236 16.45 -8.17 -16.46
CA LYS G 236 17.58 -8.71 -17.22
C LYS G 236 18.85 -7.92 -16.95
N GLN G 237 19.02 -7.55 -15.68
CA GLN G 237 20.18 -6.79 -15.25
C GLN G 237 21.25 -7.70 -14.64
N ARG G 238 21.13 -9.02 -14.80
CA ARG G 238 22.08 -9.96 -14.20
C ARG G 238 23.52 -9.67 -14.63
N GLU G 239 23.72 -9.33 -15.91
CA GLU G 239 25.07 -9.07 -16.40
C GLU G 239 25.61 -7.72 -15.94
N ILE G 240 24.77 -6.82 -15.44
CA ILE G 240 25.28 -5.56 -14.90
C ILE G 240 25.70 -5.73 -13.45
N VAL G 241 24.92 -6.48 -12.66
CA VAL G 241 25.28 -6.73 -11.26
C VAL G 241 26.47 -7.68 -11.16
N LYS G 242 26.59 -8.61 -12.11
CA LYS G 242 27.68 -9.59 -12.12
C LYS G 242 29.02 -8.95 -12.40
N MET G 243 29.02 -7.64 -12.66
CA MET G 243 30.20 -6.79 -12.75
C MET G 243 30.08 -5.62 -11.77
N LEU G 244 29.74 -5.93 -10.52
CA LEU G 244 29.73 -4.95 -9.43
C LEU G 244 30.61 -5.48 -8.31
N THR G 245 31.51 -4.61 -7.82
CA THR G 245 32.45 -4.93 -6.74
C THR G 245 33.23 -6.21 -7.02
N ALA H 3 -18.15 2.22 -9.25
CA ALA H 3 -19.14 3.23 -9.61
C ALA H 3 -18.66 4.05 -10.82
N CYS H 4 -18.27 3.35 -11.88
CA CYS H 4 -17.64 3.96 -13.05
C CYS H 4 -18.59 3.99 -14.24
N GLU H 5 -18.75 5.18 -14.84
CA GLU H 5 -19.69 5.35 -15.94
C GLU H 5 -19.20 4.69 -17.23
N MET H 6 -17.91 4.83 -17.53
CA MET H 6 -17.35 4.14 -18.71
C MET H 6 -17.45 2.63 -18.56
N CYS H 7 -17.36 2.09 -17.33
CA CYS H 7 -17.61 0.67 -17.14
C CYS H 7 -19.08 0.33 -17.41
N ARG H 8 -20.00 1.16 -16.91
CA ARG H 8 -21.42 0.89 -17.07
C ARG H 8 -21.84 1.01 -18.53
N LEU H 9 -21.18 1.89 -19.28
CA LEU H 9 -21.43 2.10 -20.69
C LEU H 9 -20.65 1.15 -21.61
N GLY H 10 -19.75 0.32 -21.07
CA GLY H 10 -19.00 -0.58 -21.92
C GLY H 10 -17.95 0.07 -22.80
N LEU H 11 -17.52 1.37 -22.47
CA LEU H 11 -16.59 2.13 -23.30
C LEU H 11 -15.14 1.86 -22.90
N PRO H 12 -14.19 1.88 -23.84
CA PRO H 12 -12.79 1.69 -23.45
C PRO H 12 -12.26 2.90 -22.68
N HIS H 13 -11.47 2.62 -21.64
CA HIS H 13 -10.91 3.62 -20.74
C HIS H 13 -9.87 2.94 -19.86
N GLY H 14 -9.15 3.75 -19.08
CA GLY H 14 -8.17 3.26 -18.16
C GLY H 14 -6.78 3.23 -18.75
N SER H 15 -5.83 2.81 -17.91
CA SER H 15 -4.43 2.94 -18.27
C SER H 15 -4.06 2.12 -19.50
N PHE H 16 -4.69 0.95 -19.67
CA PHE H 16 -4.34 0.11 -20.82
C PHE H 16 -4.85 0.72 -22.11
N PHE H 17 -6.05 1.30 -22.07
CA PHE H 17 -6.57 1.97 -23.25
C PHE H 17 -5.74 3.21 -23.60
N GLU H 18 -5.41 4.03 -22.60
CA GLU H 18 -4.60 5.22 -22.85
C GLU H 18 -3.22 4.84 -23.39
N LEU H 19 -2.63 3.76 -22.86
CA LEU H 19 -1.35 3.29 -23.39
C LEU H 19 -1.50 2.87 -24.84
N LEU H 20 -2.58 2.15 -25.16
CA LEU H 20 -2.82 1.73 -26.54
C LEU H 20 -2.84 2.92 -27.48
N ARG H 21 -3.64 3.94 -27.16
CA ARG H 21 -3.75 5.09 -28.06
C ARG H 21 -2.42 5.81 -28.20
N ASP H 22 -1.71 5.99 -27.09
CA ASP H 22 -0.43 6.68 -27.13
C ASP H 22 0.59 5.90 -27.93
N TRP H 23 0.59 4.58 -27.76
CA TRP H 23 1.48 3.72 -28.53
C TRP H 23 1.23 3.86 -30.02
N LYS H 24 -0.04 3.91 -30.44
CA LYS H 24 -0.37 4.09 -31.87
C LYS H 24 0.11 5.44 -32.39
N LYS H 25 -0.08 6.52 -31.63
CA LYS H 25 0.43 7.82 -32.08
C LYS H 25 1.93 7.76 -32.38
N ILE H 26 2.71 7.17 -31.46
CA ILE H 26 4.16 7.11 -31.64
C ILE H 26 4.50 6.32 -32.89
N GLU H 27 3.84 5.18 -33.08
CA GLU H 27 4.16 4.34 -34.22
C GLU H 27 3.83 5.03 -35.56
N GLU H 28 2.71 5.74 -35.65
CA GLU H 28 2.40 6.47 -36.87
C GLU H 28 3.37 7.62 -37.11
N PHE H 29 3.78 8.32 -36.05
CA PHE H 29 4.72 9.41 -36.22
C PHE H 29 6.05 8.92 -36.77
N ARG H 30 6.52 7.75 -36.31
CA ARG H 30 7.81 7.26 -36.79
C ARG H 30 7.75 6.75 -38.22
N ASN H 31 6.55 6.54 -38.78
CA ASN H 31 6.38 6.21 -40.21
C ASN H 31 6.00 7.41 -41.08
N ASP I 2 30.20 5.94 -3.86
CA ASP I 2 30.38 5.38 -5.19
C ASP I 2 29.50 6.11 -6.21
N ASN I 3 30.01 6.30 -7.42
CA ASN I 3 29.26 6.89 -8.52
C ASN I 3 29.08 5.84 -9.60
N ILE I 4 27.84 5.61 -10.00
CA ILE I 4 27.55 4.47 -10.87
C ILE I 4 26.76 4.91 -12.10
N PHE I 5 25.80 5.84 -11.91
CA PHE I 5 25.00 6.39 -13.00
C PHE I 5 25.15 7.90 -13.16
N VAL I 6 25.28 8.64 -12.08
CA VAL I 6 25.68 10.04 -12.13
C VAL I 6 27.20 10.11 -12.08
N LYS I 7 27.80 10.90 -12.99
CA LYS I 7 29.26 10.92 -12.99
C LYS I 7 29.78 11.96 -12.00
N PRO I 8 30.90 11.71 -11.31
CA PRO I 8 31.42 12.71 -10.36
C PRO I 8 31.56 14.08 -11.02
N GLY I 9 31.02 15.10 -10.34
CA GLY I 9 31.06 16.44 -10.87
C GLY I 9 30.08 16.74 -11.98
N GLU I 10 29.06 15.90 -12.17
CA GLU I 10 28.06 16.14 -13.20
C GLU I 10 27.01 17.12 -12.69
N ASP I 11 26.66 18.08 -13.53
CA ASP I 11 25.65 19.07 -13.18
C ASP I 11 24.30 18.64 -13.75
N LEU I 12 23.42 18.18 -12.87
CA LEU I 12 22.05 17.84 -13.23
C LEU I 12 21.06 18.90 -12.79
N GLU I 13 21.54 20.10 -12.47
CA GLU I 13 20.68 21.22 -12.14
C GLU I 13 20.34 21.96 -13.43
N ILE I 14 19.06 22.03 -13.76
CA ILE I 14 18.59 22.73 -14.96
C ILE I 14 18.29 24.17 -14.56
N PRO I 15 18.90 25.16 -15.20
CA PRO I 15 18.55 26.55 -14.92
C PRO I 15 17.10 26.82 -15.30
N LEU I 16 16.39 27.53 -14.41
CA LEU I 16 15.07 28.02 -14.77
C LEU I 16 15.20 29.14 -15.82
N LEU I 17 14.07 29.49 -16.42
CA LEU I 17 14.06 30.40 -17.58
C LEU I 17 14.42 31.84 -17.24
N SER J 1 16.81 -19.13 -27.63
CA SER J 1 17.18 -18.30 -26.49
C SER J 1 15.98 -17.46 -26.03
N ASN J 2 16.02 -16.15 -26.32
CA ASN J 2 14.84 -15.34 -26.09
C ASN J 2 13.74 -15.65 -27.09
N GLU J 3 14.10 -16.02 -28.33
CA GLU J 3 13.10 -16.50 -29.28
C GLU J 3 12.35 -17.68 -28.70
N LYS J 4 13.08 -18.61 -28.06
CA LYS J 4 12.46 -19.77 -27.42
C LYS J 4 11.48 -19.36 -26.33
N ILE J 5 11.90 -18.43 -25.45
CA ILE J 5 11.01 -18.03 -24.37
C ILE J 5 9.79 -17.27 -24.92
N ARG J 6 10.00 -16.44 -25.95
CA ARG J 6 8.88 -15.72 -26.57
C ARG J 6 7.84 -16.67 -27.14
N SER J 7 8.30 -17.66 -27.93
CA SER J 7 7.39 -18.66 -28.49
C SER J 7 6.61 -19.39 -27.41
N GLN J 8 7.31 -19.82 -26.34
CA GLN J 8 6.65 -20.54 -25.27
C GLN J 8 5.59 -19.68 -24.60
N SER J 9 5.88 -18.40 -24.36
CA SER J 9 4.87 -17.56 -23.72
C SER J 9 3.66 -17.35 -24.65
N VAL J 10 3.90 -17.17 -25.95
CA VAL J 10 2.79 -17.06 -26.90
C VAL J 10 1.91 -18.30 -26.84
N LEU J 11 2.55 -19.48 -26.78
CA LEU J 11 1.84 -20.74 -26.68
C LEU J 11 0.98 -20.77 -25.43
N ASN J 12 1.57 -20.35 -24.30
CA ASN J 12 0.82 -20.28 -23.06
C ASN J 12 -0.35 -19.30 -23.18
N THR J 13 -0.15 -18.18 -23.90
CA THR J 13 -1.28 -17.28 -24.17
C THR J 13 -2.34 -17.96 -25.01
N LEU J 14 -1.93 -18.65 -26.09
CA LEU J 14 -2.90 -19.38 -26.91
C LEU J 14 -3.65 -20.42 -26.09
N GLU J 15 -2.95 -21.10 -25.15
CA GLU J 15 -3.60 -22.08 -24.30
C GLU J 15 -4.76 -21.48 -23.52
N THR J 16 -4.57 -20.26 -23.01
CA THR J 16 -5.62 -19.58 -22.23
C THR J 16 -6.80 -19.17 -23.11
N PHE J 17 -6.62 -19.05 -24.42
CA PHE J 17 -7.74 -18.73 -25.32
C PHE J 17 -8.41 -19.98 -25.88
N PHE J 18 -7.68 -21.09 -26.08
CA PHE J 18 -8.20 -22.22 -26.84
C PHE J 18 -8.94 -23.24 -25.97
N ILE J 19 -8.47 -23.47 -24.75
CA ILE J 19 -9.02 -24.54 -23.91
C ILE J 19 -10.35 -24.08 -23.33
N LYS J 20 -11.41 -24.82 -23.64
CA LYS J 20 -12.76 -24.53 -23.18
C LYS J 20 -13.36 -25.78 -22.55
N GLU J 21 -14.26 -25.55 -21.58
CA GLU J 21 -15.10 -26.63 -21.05
C GLU J 21 -15.96 -27.24 -22.15
N ASN J 22 -16.57 -26.38 -22.97
CA ASN J 22 -17.27 -26.83 -24.15
C ASN J 22 -16.33 -26.66 -25.34
N HIS J 23 -16.81 -26.29 -26.52
CA HIS J 23 -15.97 -26.27 -27.70
C HIS J 23 -15.50 -24.86 -28.02
N TYR J 24 -14.25 -24.75 -28.47
CA TYR J 24 -13.71 -23.46 -28.88
C TYR J 24 -14.41 -22.96 -30.14
N ASP J 25 -14.55 -21.64 -30.23
CA ASP J 25 -14.96 -20.96 -31.45
C ASP J 25 -14.31 -19.60 -31.52
N MET J 26 -14.02 -19.13 -32.72
CA MET J 26 -13.39 -17.82 -32.84
C MET J 26 -14.42 -16.73 -32.55
N GLN J 27 -14.11 -15.87 -31.60
CA GLN J 27 -14.89 -14.66 -31.38
C GLN J 27 -14.23 -13.48 -32.09
N ARG J 28 -15.05 -12.50 -32.46
CA ARG J 28 -14.55 -11.36 -33.24
C ARG J 28 -13.46 -10.61 -32.48
N GLU J 29 -13.68 -10.35 -31.18
CA GLU J 29 -12.70 -9.58 -30.41
C GLU J 29 -11.40 -10.34 -30.14
N GLU J 30 -11.41 -11.68 -30.25
CA GLU J 30 -10.17 -12.45 -30.11
C GLU J 30 -9.49 -12.77 -31.43
N SER J 31 -10.13 -12.49 -32.56
CA SER J 31 -9.57 -12.94 -33.83
C SER J 31 -8.16 -12.40 -34.05
N SER J 32 -7.94 -11.11 -33.74
CA SER J 32 -6.65 -10.48 -34.04
C SER J 32 -5.52 -11.02 -33.15
N ILE J 33 -5.79 -11.21 -31.86
CA ILE J 33 -4.75 -11.71 -30.96
C ILE J 33 -4.43 -13.18 -31.27
N VAL J 34 -5.45 -14.00 -31.49
CA VAL J 34 -5.24 -15.40 -31.88
C VAL J 34 -4.43 -15.49 -33.17
N ASN J 35 -4.82 -14.72 -34.21
CA ASN J 35 -4.07 -14.73 -35.48
C ASN J 35 -2.64 -14.27 -35.30
N ALA J 36 -2.41 -13.21 -34.54
CA ALA J 36 -1.04 -12.74 -34.29
C ALA J 36 -0.21 -13.81 -33.58
N CYS J 37 -0.80 -14.50 -32.60
CA CYS J 37 -0.09 -15.58 -31.93
C CYS J 37 0.24 -16.71 -32.90
N LEU J 38 -0.77 -17.16 -33.67
CA LEU J 38 -0.56 -18.24 -34.63
C LEU J 38 0.49 -17.85 -35.66
N ARG J 39 0.46 -16.60 -36.14
CA ARG J 39 1.46 -16.17 -37.10
C ARG J 39 2.84 -16.14 -36.47
N TYR J 40 2.94 -15.64 -35.24
CA TYR J 40 4.23 -15.60 -34.56
C TYR J 40 4.83 -17.01 -34.44
N LEU J 41 4.02 -17.98 -33.97
CA LEU J 41 4.50 -19.37 -33.88
C LEU J 41 4.77 -19.95 -35.26
N GLY J 42 3.96 -19.60 -36.26
CA GLY J 42 4.13 -20.15 -37.59
C GLY J 42 5.42 -19.73 -38.29
N TYR J 43 5.97 -18.58 -37.89
CA TYR J 43 7.24 -18.11 -38.44
C TYR J 43 8.37 -18.19 -37.42
N SER J 44 8.12 -18.71 -36.22
CA SER J 44 9.19 -18.86 -35.25
C SER J 44 10.08 -20.03 -35.63
N LYS J 45 11.37 -19.77 -35.82
CA LYS J 45 12.28 -20.83 -36.23
C LYS J 45 12.54 -21.84 -35.13
N SER J 46 12.31 -21.46 -33.88
CA SER J 46 12.49 -22.41 -32.79
C SER J 46 11.31 -23.37 -32.62
N MET J 47 10.21 -23.14 -33.35
CA MET J 47 9.04 -24.00 -33.27
C MET J 47 8.93 -24.97 -34.45
N CYS J 48 9.83 -24.87 -35.44
CA CYS J 48 9.69 -25.60 -36.70
C CYS J 48 9.66 -27.12 -36.51
N HIS J 49 10.39 -27.65 -35.53
CA HIS J 49 10.43 -29.08 -35.29
C HIS J 49 9.95 -29.42 -33.88
N GLU J 50 9.22 -28.50 -33.26
CA GLU J 50 8.61 -28.77 -31.96
C GLU J 50 7.31 -29.55 -32.13
N LYS J 51 6.99 -30.33 -31.10
CA LYS J 51 5.74 -31.07 -31.06
C LYS J 51 4.57 -30.09 -30.95
N MET J 52 3.52 -30.36 -31.69
CA MET J 52 2.28 -29.61 -31.55
C MET J 52 1.55 -30.04 -30.29
N PRO J 53 1.31 -29.13 -29.33
CA PRO J 53 0.56 -29.51 -28.13
C PRO J 53 -0.86 -29.96 -28.47
N ILE J 54 -1.35 -30.93 -27.70
CA ILE J 54 -2.64 -31.53 -28.04
C ILE J 54 -3.78 -30.52 -27.92
N PHE J 55 -3.67 -29.53 -27.03
CA PHE J 55 -4.76 -28.55 -26.93
C PHE J 55 -4.91 -27.77 -28.23
N MET J 56 -3.83 -27.63 -29.01
CA MET J 56 -3.90 -26.92 -30.29
C MET J 56 -4.59 -27.77 -31.35
N ASP J 57 -4.24 -29.07 -31.43
CA ASP J 57 -4.97 -29.96 -32.33
C ASP J 57 -6.46 -30.00 -32.02
N ILE J 58 -6.83 -30.06 -30.73
CA ILE J 58 -8.23 -30.11 -30.33
C ILE J 58 -8.96 -28.83 -30.70
N ALA J 59 -8.33 -27.67 -30.45
CA ALA J 59 -8.97 -26.40 -30.82
C ALA J 59 -9.13 -26.31 -32.33
N PHE J 60 -8.13 -26.80 -33.07
CA PHE J 60 -8.26 -26.83 -34.51
C PHE J 60 -9.46 -27.68 -34.94
N ILE J 61 -9.62 -28.88 -34.37
CA ILE J 61 -10.72 -29.76 -34.75
C ILE J 61 -12.07 -29.12 -34.41
N GLU J 62 -12.15 -28.49 -33.23
CA GLU J 62 -13.36 -27.79 -32.84
C GLU J 62 -13.69 -26.67 -33.83
N TYR J 63 -12.66 -25.94 -34.26
CA TYR J 63 -12.86 -24.80 -35.16
C TYR J 63 -13.16 -25.26 -36.58
N CYS J 64 -12.36 -26.19 -37.10
CA CYS J 64 -12.54 -26.68 -38.46
C CYS J 64 -13.94 -27.24 -38.66
N PHE J 65 -14.43 -28.07 -37.74
CA PHE J 65 -15.71 -28.73 -37.90
C PHE J 65 -16.82 -28.02 -37.19
N ASN J 66 -16.56 -26.83 -36.62
CA ASN J 66 -17.59 -25.98 -36.04
C ASN J 66 -18.40 -26.70 -34.97
N LEU J 67 -17.69 -27.40 -34.08
CA LEU J 67 -18.40 -28.22 -33.10
C LEU J 67 -19.20 -27.38 -32.10
N SER J 68 -18.82 -26.12 -31.85
CA SER J 68 -19.56 -25.27 -30.90
C SER J 68 -21.01 -24.98 -31.33
N LEU J 69 -21.35 -25.22 -32.58
CA LEU J 69 -22.68 -24.89 -33.11
C LEU J 69 -23.68 -26.02 -32.85
N SER J 86 -23.71 -28.30 -41.79
CA SER J 86 -23.05 -29.31 -42.60
C SER J 86 -22.06 -28.72 -43.61
N GLN J 87 -22.14 -27.38 -43.80
CA GLN J 87 -21.36 -26.69 -44.84
C GLN J 87 -20.82 -25.34 -44.38
N GLN J 88 -20.92 -24.99 -43.09
CA GLN J 88 -19.97 -24.02 -42.53
C GLN J 88 -18.57 -24.63 -42.43
N ILE J 89 -18.46 -25.91 -42.71
CA ILE J 89 -17.19 -26.62 -42.84
C ILE J 89 -16.65 -26.40 -44.24
N LEU J 90 -15.35 -26.09 -44.32
CA LEU J 90 -14.66 -25.96 -45.61
C LEU J 90 -14.19 -27.34 -46.03
N TRP J 91 -14.97 -28.00 -46.91
CA TRP J 91 -14.59 -29.30 -47.43
C TRP J 91 -13.59 -29.07 -48.55
N GLU J 92 -12.34 -28.99 -48.18
CA GLU J 92 -11.27 -28.89 -49.14
C GLU J 92 -10.25 -29.97 -48.82
N TYR J 93 -9.78 -30.63 -49.88
CA TYR J 93 -8.97 -31.83 -49.73
C TYR J 93 -7.78 -31.59 -48.81
N SER J 94 -7.02 -30.52 -49.06
CA SER J 94 -5.79 -30.29 -48.31
C SER J 94 -6.10 -30.04 -46.83
N LEU J 95 -7.09 -29.20 -46.56
CA LEU J 95 -7.46 -28.91 -45.18
C LEU J 95 -7.96 -30.16 -44.47
N ILE J 96 -8.89 -30.88 -45.08
CA ILE J 96 -9.50 -32.03 -44.40
C ILE J 96 -8.46 -33.13 -44.22
N SER J 97 -7.53 -33.26 -45.14
CA SER J 97 -6.44 -34.21 -44.96
C SER J 97 -5.59 -33.85 -43.75
N ASN J 98 -5.26 -32.56 -43.58
CA ASN J 98 -4.55 -32.13 -42.38
C ASN J 98 -5.39 -32.36 -41.13
N ALA J 99 -6.69 -32.11 -41.22
CA ALA J 99 -7.57 -32.32 -40.07
C ALA J 99 -7.58 -33.77 -39.61
N LEU J 100 -7.60 -34.71 -40.56
CA LEU J 100 -7.59 -36.12 -40.20
C LEU J 100 -6.27 -36.53 -39.55
N GLU J 101 -5.18 -35.92 -40.00
CA GLU J 101 -3.88 -36.19 -39.42
C GLU J 101 -3.82 -35.69 -37.99
N ARG J 102 -4.38 -34.50 -37.76
CA ARG J 102 -4.43 -33.95 -36.41
C ARG J 102 -5.37 -34.75 -35.52
N LEU J 103 -6.47 -35.26 -36.07
CA LEU J 103 -7.36 -36.11 -35.28
C LEU J 103 -6.65 -37.41 -34.86
N GLU J 104 -5.84 -37.98 -35.76
CA GLU J 104 -5.09 -39.18 -35.41
C GLU J 104 -4.06 -38.89 -34.33
N ASN J 105 -3.40 -37.72 -34.42
CA ASN J 105 -2.46 -37.31 -33.36
C ASN J 105 -3.16 -37.19 -32.02
N ILE J 106 -4.36 -36.61 -32.00
CA ILE J 106 -5.14 -36.57 -30.77
C ILE J 106 -5.36 -37.97 -30.22
N GLU J 107 -5.82 -38.88 -31.10
CA GLU J 107 -6.22 -40.21 -30.65
C GLU J 107 -5.05 -41.04 -30.15
N LEU J 108 -3.90 -41.02 -30.85
CA LEU J 108 -2.78 -41.82 -30.38
C LEU J 108 -2.21 -41.25 -29.09
N GLU J 109 -2.21 -39.92 -28.95
CA GLU J 109 -1.76 -39.31 -27.71
C GLU J 109 -2.70 -39.66 -26.55
N ARG J 110 -4.02 -39.59 -26.78
CA ARG J 110 -4.97 -39.99 -25.76
C ARG J 110 -4.72 -41.43 -25.31
N GLN J 111 -4.58 -42.35 -26.28
CA GLN J 111 -4.38 -43.76 -25.95
C GLN J 111 -3.11 -43.96 -25.12
N ASN J 112 -1.98 -43.47 -25.63
CA ASN J 112 -0.68 -43.63 -25.00
C ASN J 112 -0.65 -42.99 -23.62
N CYS J 113 -1.25 -41.81 -23.51
CA CYS J 113 -1.31 -41.08 -22.25
C CYS J 113 -2.25 -41.78 -21.29
N MET J 114 -3.29 -42.40 -21.82
CA MET J 114 -4.27 -43.12 -21.00
C MET J 114 -3.73 -44.37 -20.27
N ARG J 115 -2.66 -44.96 -20.80
CA ARG J 115 -2.09 -46.17 -20.21
C ARG J 115 -0.94 -45.89 -19.24
N GLU J 116 -0.29 -44.73 -19.32
CA GLU J 116 0.62 -44.33 -18.25
C GLU J 116 -0.20 -43.92 -17.04
N LEU J 128 -13.96 -42.11 -13.98
CA LEU J 128 -14.81 -43.18 -13.45
C LEU J 128 -14.22 -44.54 -13.84
N ASN J 129 -14.74 -45.16 -14.89
CA ASN J 129 -14.17 -46.42 -15.35
C ASN J 129 -13.29 -46.16 -16.56
N LYS J 130 -12.01 -46.50 -16.43
CA LYS J 130 -11.00 -46.20 -17.43
C LYS J 130 -11.23 -46.99 -18.71
N GLU J 131 -11.65 -48.26 -18.59
CA GLU J 131 -11.80 -49.09 -19.78
C GLU J 131 -13.01 -48.66 -20.60
N THR J 132 -14.11 -48.30 -19.95
CA THR J 132 -15.29 -47.85 -20.67
C THR J 132 -14.99 -46.55 -21.42
N LEU J 133 -14.31 -45.62 -20.76
CA LEU J 133 -13.96 -44.36 -21.39
C LEU J 133 -13.02 -44.59 -22.58
N ASN J 134 -12.04 -45.49 -22.44
CA ASN J 134 -11.17 -45.80 -23.57
C ASN J 134 -11.96 -46.46 -24.72
N ASN J 135 -12.77 -47.47 -24.41
CA ASN J 135 -13.54 -48.12 -25.48
C ASN J 135 -14.46 -47.12 -26.17
N GLU J 136 -15.06 -46.20 -25.40
CA GLU J 136 -15.97 -45.21 -25.98
C GLU J 136 -15.23 -44.25 -26.90
N ALA J 137 -14.09 -43.71 -26.43
CA ALA J 137 -13.33 -42.80 -27.29
C ALA J 137 -12.91 -43.48 -28.58
N LEU J 138 -12.43 -44.73 -28.51
CA LEU J 138 -12.00 -45.42 -29.73
C LEU J 138 -13.16 -45.63 -30.68
N LYS J 139 -14.35 -45.94 -30.15
CA LYS J 139 -15.53 -46.16 -30.97
C LYS J 139 -16.02 -44.87 -31.63
N LEU J 140 -16.08 -43.78 -30.86
CA LEU J 140 -16.43 -42.48 -31.43
C LEU J 140 -15.40 -42.04 -32.47
N TYR J 141 -14.11 -42.23 -32.17
CA TYR J 141 -13.07 -41.82 -33.11
C TYR J 141 -13.26 -42.47 -34.46
N SER J 142 -13.43 -43.81 -34.45
CA SER J 142 -13.55 -44.54 -35.70
C SER J 142 -14.78 -44.09 -36.47
N CYS J 143 -15.88 -43.83 -35.77
CA CYS J 143 -17.07 -43.32 -36.44
C CYS J 143 -16.82 -41.92 -37.01
N ALA J 144 -16.28 -41.01 -36.19
CA ALA J 144 -16.02 -39.65 -36.65
C ALA J 144 -15.08 -39.65 -37.84
N LYS J 145 -14.00 -40.44 -37.79
CA LYS J 145 -13.04 -40.47 -38.87
C LYS J 145 -13.68 -40.94 -40.17
N ALA J 146 -14.51 -41.99 -40.12
CA ALA J 146 -15.18 -42.51 -41.31
C ALA J 146 -16.19 -41.50 -41.86
N GLY J 147 -16.88 -40.77 -41.00
CA GLY J 147 -17.81 -39.76 -41.45
C GLY J 147 -17.12 -38.63 -42.20
N ILE J 148 -16.00 -38.17 -41.66
CA ILE J 148 -15.24 -37.12 -42.34
C ILE J 148 -14.75 -37.60 -43.71
N CYS J 149 -14.19 -38.81 -43.79
CA CYS J 149 -13.71 -39.30 -45.09
C CYS J 149 -14.86 -39.43 -46.07
N ARG J 150 -16.01 -39.91 -45.60
CA ARG J 150 -17.17 -40.06 -46.47
C ARG J 150 -17.66 -38.70 -46.99
N TRP J 151 -17.77 -37.71 -46.10
CA TRP J 151 -18.26 -36.41 -46.55
C TRP J 151 -17.23 -35.69 -47.40
N MET J 152 -15.95 -35.90 -47.17
CA MET J 152 -14.95 -35.43 -48.13
C MET J 152 -15.20 -36.06 -49.50
N ALA J 153 -15.45 -37.37 -49.52
CA ALA J 153 -15.74 -38.06 -50.77
C ALA J 153 -17.01 -37.49 -51.43
N PHE J 154 -18.07 -37.26 -50.64
CA PHE J 154 -19.27 -36.62 -51.15
C PHE J 154 -18.95 -35.29 -51.84
N HIS J 155 -18.12 -34.46 -51.20
CA HIS J 155 -17.79 -33.17 -51.78
C HIS J 155 -17.09 -33.32 -53.11
N PHE J 156 -16.11 -34.24 -53.18
CA PHE J 156 -15.43 -34.49 -54.45
C PHE J 156 -16.42 -34.85 -55.56
N LEU J 157 -17.38 -35.72 -55.25
CA LEU J 157 -18.34 -36.25 -56.22
C LEU J 157 -19.36 -35.22 -56.67
N GLU J 158 -19.56 -34.17 -55.89
CA GLU J 158 -20.54 -33.15 -56.18
C GLU J 158 -19.96 -31.97 -56.97
N GLN J 159 -18.70 -32.05 -57.39
CA GLN J 159 -18.10 -31.01 -58.20
C GLN J 159 -18.15 -31.40 -59.68
N GLU J 160 -18.14 -30.40 -60.55
CA GLU J 160 -18.23 -30.65 -61.98
C GLU J 160 -17.36 -29.64 -62.71
N PRO J 161 -16.29 -30.11 -63.36
CA PRO J 161 -15.85 -31.51 -63.47
C PRO J 161 -15.19 -32.02 -62.18
N ILE J 162 -15.08 -33.34 -62.05
CA ILE J 162 -14.42 -33.94 -60.90
C ILE J 162 -12.92 -33.69 -60.96
N ASP J 163 -12.34 -33.41 -59.79
CA ASP J 163 -10.88 -33.33 -59.63
C ASP J 163 -10.40 -34.75 -59.35
N HIS J 164 -10.10 -35.50 -60.42
CA HIS J 164 -9.87 -36.95 -60.30
C HIS J 164 -8.57 -37.28 -59.57
N ILE J 165 -7.52 -36.49 -59.81
CA ILE J 165 -6.23 -36.79 -59.20
C ILE J 165 -6.30 -36.61 -57.69
N ASN J 166 -6.81 -35.46 -57.24
CA ASN J 166 -6.93 -35.24 -55.81
C ASN J 166 -7.94 -36.19 -55.19
N PHE J 167 -9.01 -36.53 -55.91
CA PHE J 167 -9.96 -37.50 -55.39
C PHE J 167 -9.29 -38.84 -55.10
N THR J 168 -8.52 -39.35 -56.07
CA THR J 168 -7.87 -40.63 -55.90
C THR J 168 -6.83 -40.59 -54.80
N LYS J 169 -5.95 -39.58 -54.82
CA LYS J 169 -4.92 -39.50 -53.80
C LYS J 169 -5.52 -39.36 -52.41
N PHE J 170 -6.69 -38.71 -52.28
CA PHE J 170 -7.38 -38.71 -50.99
C PHE J 170 -7.83 -40.10 -50.60
N LEU J 171 -8.28 -40.89 -51.59
CA LEU J 171 -8.80 -42.22 -51.28
C LEU J 171 -7.65 -43.17 -50.90
N GLN J 172 -6.50 -43.04 -51.55
CA GLN J 172 -5.33 -43.81 -51.15
C GLN J 172 -4.89 -43.44 -49.74
N ASP J 173 -4.83 -42.14 -49.42
CA ASP J 173 -4.35 -41.72 -48.10
C ASP J 173 -5.34 -42.10 -47.00
N TRP J 174 -6.64 -41.98 -47.25
CA TRP J 174 -7.61 -42.08 -46.18
C TRP J 174 -8.82 -42.98 -46.47
N GLY J 175 -9.06 -43.38 -47.71
CA GLY J 175 -10.18 -44.25 -48.00
C GLY J 175 -9.92 -45.71 -47.64
N SER J 176 -10.98 -46.38 -47.19
CA SER J 176 -10.91 -47.81 -46.91
C SER J 176 -10.59 -48.59 -48.18
N HIS J 177 -9.41 -49.18 -48.26
CA HIS J 177 -8.92 -49.77 -49.50
C HIS J 177 -9.67 -51.05 -49.90
N ASN J 178 -10.88 -51.23 -49.36
CA ASN J 178 -11.80 -52.27 -49.80
C ASN J 178 -11.89 -52.28 -51.34
N GLU J 179 -11.44 -53.37 -51.97
CA GLU J 179 -11.39 -53.42 -53.43
C GLU J 179 -12.77 -53.19 -54.04
N LYS J 180 -13.81 -53.69 -53.38
CA LYS J 180 -15.18 -53.44 -53.85
C LYS J 180 -15.55 -51.97 -53.68
N GLU J 181 -15.34 -51.42 -52.48
CA GLU J 181 -15.69 -50.02 -52.22
C GLU J 181 -14.81 -49.07 -53.03
N MET J 182 -13.50 -49.32 -53.06
CA MET J 182 -12.58 -48.39 -53.72
C MET J 182 -12.91 -48.25 -55.20
N GLU J 183 -13.15 -49.37 -55.89
CA GLU J 183 -13.45 -49.27 -57.32
C GLU J 183 -14.90 -48.89 -57.57
N ALA J 184 -15.81 -49.16 -56.64
CA ALA J 184 -17.16 -48.64 -56.78
C ALA J 184 -17.16 -47.12 -56.80
N LEU J 185 -16.32 -46.48 -55.99
CA LEU J 185 -16.29 -45.03 -55.95
C LEU J 185 -15.67 -44.43 -57.21
N GLN J 186 -14.65 -45.09 -57.76
CA GLN J 186 -13.98 -44.49 -58.93
C GLN J 186 -14.66 -44.77 -60.27
N ARG J 187 -15.68 -45.63 -60.33
CA ARG J 187 -16.51 -45.62 -61.52
C ARG J 187 -17.87 -45.00 -61.27
N LEU J 188 -18.27 -44.83 -60.01
CA LEU J 188 -19.34 -43.90 -59.72
C LEU J 188 -18.90 -42.48 -59.99
N SER J 189 -17.58 -42.22 -59.87
CA SER J 189 -16.99 -40.94 -60.24
C SER J 189 -17.04 -40.71 -61.74
N LYS J 190 -17.48 -41.70 -62.50
CA LYS J 190 -17.56 -41.58 -63.95
C LYS J 190 -18.98 -41.35 -64.43
N HIS J 191 -19.96 -41.36 -63.54
CA HIS J 191 -21.30 -41.01 -63.93
C HIS J 191 -21.41 -39.51 -64.16
N LYS J 192 -22.49 -39.11 -64.84
CA LYS J 192 -22.78 -37.72 -65.16
C LYS J 192 -23.24 -37.02 -63.89
N ILE J 193 -23.16 -35.68 -63.89
CA ILE J 193 -23.26 -34.95 -62.62
C ILE J 193 -24.60 -35.21 -61.96
N ARG J 194 -25.68 -35.28 -62.74
CA ARG J 194 -26.99 -35.48 -62.13
C ARG J 194 -27.08 -36.84 -61.45
N LYS J 195 -26.43 -37.87 -62.02
CA LYS J 195 -26.42 -39.19 -61.38
C LYS J 195 -25.62 -39.17 -60.08
N ARG J 196 -24.40 -38.62 -60.10
CA ARG J 196 -23.59 -38.49 -58.89
C ARG J 196 -24.34 -37.73 -57.81
N LEU J 197 -25.03 -36.66 -58.17
CA LEU J 197 -25.74 -35.88 -57.17
C LEU J 197 -26.92 -36.65 -56.60
N ILE J 198 -27.57 -37.48 -57.41
CA ILE J 198 -28.67 -38.30 -56.90
C ILE J 198 -28.15 -39.30 -55.88
N TYR J 199 -27.02 -39.95 -56.21
CA TYR J 199 -26.46 -40.96 -55.34
C TYR J 199 -25.93 -40.34 -54.04
N VAL J 200 -25.24 -39.20 -54.13
CA VAL J 200 -24.75 -38.52 -52.93
C VAL J 200 -25.92 -38.14 -52.02
N SER J 201 -27.02 -37.67 -52.60
CA SER J 201 -28.19 -37.30 -51.80
C SER J 201 -28.74 -38.51 -51.04
N GLN J 202 -28.77 -39.68 -51.70
CA GLN J 202 -29.30 -40.87 -51.06
C GLN J 202 -28.44 -41.25 -49.86
N HIS J 203 -27.14 -41.28 -50.06
CA HIS J 203 -26.22 -41.68 -49.00
C HIS J 203 -26.12 -40.63 -47.90
N LYS J 204 -26.24 -39.33 -48.24
CA LYS J 204 -26.26 -38.32 -47.20
C LYS J 204 -27.46 -38.50 -46.28
N LYS J 205 -28.59 -38.90 -46.84
CA LYS J 205 -29.78 -39.12 -46.03
C LYS J 205 -29.68 -40.38 -45.18
N LYS J 206 -28.87 -41.37 -45.61
CA LYS J 206 -28.62 -42.54 -44.76
C LYS J 206 -27.71 -42.22 -43.60
N MET J 207 -26.92 -41.14 -43.69
CA MET J 207 -25.92 -40.81 -42.68
C MET J 207 -25.73 -39.30 -42.70
N PRO J 208 -26.66 -38.55 -42.12
CA PRO J 208 -26.59 -37.09 -42.18
C PRO J 208 -25.40 -36.57 -41.38
N TRP J 209 -24.93 -35.38 -41.78
CA TRP J 209 -23.79 -34.80 -41.08
C TRP J 209 -24.10 -34.56 -39.60
N SER J 210 -25.37 -34.36 -39.25
CA SER J 210 -25.74 -34.12 -37.85
C SER J 210 -25.29 -35.27 -36.94
N LYS J 211 -25.30 -36.50 -37.44
CA LYS J 211 -24.82 -37.64 -36.66
C LYS J 211 -23.33 -37.50 -36.36
N PHE J 212 -22.55 -37.19 -37.39
CA PHE J 212 -21.10 -37.09 -37.22
C PHE J 212 -20.71 -35.83 -36.46
N ASN J 213 -21.52 -34.77 -36.54
CA ASN J 213 -21.28 -33.63 -35.67
C ASN J 213 -21.39 -34.06 -34.21
N SER J 214 -22.42 -34.82 -33.88
CA SER J 214 -22.62 -35.32 -32.52
C SER J 214 -21.51 -36.29 -32.12
N VAL J 215 -21.20 -37.26 -32.98
CA VAL J 215 -20.13 -38.21 -32.68
C VAL J 215 -18.83 -37.49 -32.40
N LEU J 216 -18.46 -36.54 -33.27
CA LEU J 216 -17.19 -35.84 -33.15
C LEU J 216 -17.15 -34.97 -31.91
N SER J 217 -18.24 -34.27 -31.62
CA SER J 217 -18.30 -33.46 -30.40
C SER J 217 -18.09 -34.35 -29.18
N ARG J 218 -18.80 -35.49 -29.14
CA ARG J 218 -18.64 -36.41 -28.02
C ARG J 218 -17.24 -37.01 -27.97
N TYR J 219 -16.61 -37.24 -29.13
CA TYR J 219 -15.22 -37.71 -29.12
C TYR J 219 -14.30 -36.69 -28.46
N ILE J 220 -14.43 -35.42 -28.84
CA ILE J 220 -13.59 -34.36 -28.28
C ILE J 220 -13.83 -34.22 -26.77
N GLN J 221 -15.10 -34.24 -26.35
CA GLN J 221 -15.39 -34.06 -24.92
C GLN J 221 -14.91 -35.26 -24.11
N CYS J 222 -15.13 -36.47 -24.61
CA CYS J 222 -14.62 -37.68 -23.98
C CYS J 222 -13.09 -37.64 -23.87
N THR J 223 -12.41 -37.25 -24.96
CA THR J 223 -10.96 -37.17 -24.95
C THR J 223 -10.46 -36.13 -23.95
N LYS J 224 -11.11 -34.95 -23.92
CA LYS J 224 -10.77 -33.92 -22.93
C LYS J 224 -10.94 -34.43 -21.50
N LEU J 225 -12.03 -35.15 -21.24
CA LEU J 225 -12.24 -35.73 -19.92
C LEU J 225 -11.09 -36.65 -19.51
N GLN J 226 -10.73 -37.59 -20.39
CA GLN J 226 -9.64 -38.51 -20.09
C GLN J 226 -8.31 -37.80 -19.92
N LEU J 227 -8.02 -36.82 -20.78
CA LEU J 227 -6.75 -36.12 -20.65
C LEU J 227 -6.66 -35.42 -19.30
N GLU J 228 -7.78 -34.92 -18.79
CA GLU J 228 -7.73 -34.27 -17.49
C GLU J 228 -7.64 -35.30 -16.36
N VAL J 229 -8.49 -36.33 -16.40
CA VAL J 229 -8.60 -37.27 -15.29
C VAL J 229 -7.38 -38.19 -15.24
N PHE J 230 -6.99 -38.77 -16.37
CA PHE J 230 -5.96 -39.79 -16.41
C PHE J 230 -4.61 -39.26 -16.83
N CYS J 231 -4.63 -38.13 -17.51
CA CYS J 231 -3.44 -37.37 -17.94
C CYS J 231 -3.40 -36.08 -17.09
N ASP J 232 -2.27 -35.42 -16.90
CA ASP J 232 -2.48 -34.32 -15.98
C ASP J 232 -2.52 -33.00 -16.73
N TYR J 233 -3.37 -32.93 -17.74
CA TYR J 233 -3.80 -31.69 -18.38
C TYR J 233 -5.00 -31.11 -17.63
N ASP J 234 -5.26 -29.83 -17.87
CA ASP J 234 -6.49 -29.20 -17.40
C ASP J 234 -7.26 -28.73 -18.64
N PHE J 235 -8.41 -29.35 -18.89
CA PHE J 235 -9.32 -28.99 -19.97
C PHE J 235 -10.65 -28.52 -19.41
N LYS J 236 -10.66 -28.02 -18.17
CA LYS J 236 -11.86 -27.46 -17.56
C LYS J 236 -13.01 -28.47 -17.54
N GLN J 237 -12.70 -29.73 -17.25
CA GLN J 237 -13.72 -30.77 -17.22
C GLN J 237 -14.18 -31.13 -15.79
N ARG J 238 -13.78 -30.35 -14.78
CA ARG J 238 -14.05 -30.72 -13.40
C ARG J 238 -15.56 -30.90 -13.11
N GLU J 239 -16.41 -30.05 -13.66
CA GLU J 239 -17.85 -30.26 -13.48
C GLU J 239 -18.35 -31.53 -14.16
N ILE J 240 -17.61 -32.08 -15.10
CA ILE J 240 -18.02 -33.34 -15.70
C ILE J 240 -17.50 -34.53 -14.89
N VAL J 241 -16.29 -34.41 -14.33
CA VAL J 241 -15.80 -35.49 -13.48
C VAL J 241 -16.66 -35.58 -12.22
N LYS J 242 -17.23 -34.45 -11.78
CA LYS J 242 -18.14 -34.47 -10.63
C LYS J 242 -19.44 -35.16 -11.01
N MET J 243 -19.96 -34.87 -12.21
CA MET J 243 -21.22 -35.47 -12.66
C MET J 243 -21.08 -36.97 -12.88
N LEU J 244 -19.86 -37.51 -12.95
CA LEU J 244 -19.62 -38.94 -13.04
C LEU J 244 -19.19 -39.53 -11.69
N THR J 245 -18.19 -38.94 -11.07
CA THR J 245 -17.73 -39.41 -9.76
C THR J 245 -18.82 -39.16 -8.70
N CYS K 4 18.32 -29.96 -41.55
CA CYS K 4 17.13 -29.63 -42.32
C CYS K 4 17.43 -28.52 -43.32
N GLU K 5 16.91 -28.65 -44.55
CA GLU K 5 17.21 -27.69 -45.61
C GLU K 5 16.28 -26.48 -45.58
N MET K 6 15.06 -26.62 -45.04
CA MET K 6 14.22 -25.44 -44.85
C MET K 6 14.72 -24.58 -43.70
N CYS K 7 15.35 -25.21 -42.70
CA CYS K 7 15.99 -24.48 -41.61
C CYS K 7 17.18 -23.68 -42.13
N ARG K 8 17.96 -24.27 -43.03
CA ARG K 8 19.13 -23.59 -43.59
C ARG K 8 18.75 -22.45 -44.54
N LEU K 9 17.63 -22.58 -45.26
CA LEU K 9 17.18 -21.53 -46.18
C LEU K 9 16.35 -20.44 -45.51
N GLY K 10 16.05 -20.58 -44.22
CA GLY K 10 15.28 -19.58 -43.49
C GLY K 10 13.81 -19.50 -43.83
N LEU K 11 13.24 -20.55 -44.55
CA LEU K 11 11.86 -20.61 -45.02
C LEU K 11 10.93 -21.21 -43.96
N PRO K 12 9.70 -20.71 -43.84
CA PRO K 12 8.77 -21.27 -42.85
C PRO K 12 8.30 -22.67 -43.23
N HIS K 13 8.22 -23.53 -42.21
CA HIS K 13 7.81 -24.92 -42.39
C HIS K 13 7.48 -25.49 -41.02
N GLY K 14 6.95 -26.72 -41.01
CA GLY K 14 6.61 -27.39 -39.78
C GLY K 14 5.15 -27.22 -39.40
N SER K 15 4.83 -27.83 -38.24
CA SER K 15 3.44 -27.99 -37.81
C SER K 15 2.76 -26.66 -37.50
N PHE K 16 3.47 -25.70 -36.93
CA PHE K 16 2.83 -24.44 -36.58
C PHE K 16 2.54 -23.62 -37.82
N PHE K 17 3.45 -23.66 -38.80
CA PHE K 17 3.20 -22.99 -40.07
C PHE K 17 1.99 -23.61 -40.78
N GLU K 18 1.90 -24.95 -40.80
CA GLU K 18 0.75 -25.60 -41.44
C GLU K 18 -0.55 -25.27 -40.71
N LEU K 19 -0.50 -25.20 -39.38
CA LEU K 19 -1.71 -24.81 -38.63
C LEU K 19 -2.14 -23.39 -38.96
N LEU K 20 -1.18 -22.47 -39.05
CA LEU K 20 -1.49 -21.08 -39.43
C LEU K 20 -2.21 -21.03 -40.77
N ARG K 21 -1.66 -21.71 -41.78
CA ARG K 21 -2.25 -21.68 -43.11
C ARG K 21 -3.65 -22.27 -43.11
N ASP K 22 -3.84 -23.41 -42.43
CA ASP K 22 -5.16 -24.03 -42.37
C ASP K 22 -6.15 -23.18 -41.61
N TRP K 23 -5.70 -22.58 -40.51
CA TRP K 23 -6.56 -21.69 -39.73
C TRP K 23 -7.07 -20.52 -40.58
N LYS K 24 -6.18 -19.93 -41.37
CA LYS K 24 -6.58 -18.83 -42.25
C LYS K 24 -7.62 -19.28 -43.27
N LYS K 25 -7.38 -20.42 -43.93
CA LYS K 25 -8.37 -20.93 -44.87
C LYS K 25 -9.75 -21.01 -44.24
N ILE K 26 -9.84 -21.53 -43.02
CA ILE K 26 -11.14 -21.66 -42.38
C ILE K 26 -11.76 -20.29 -42.13
N GLU K 27 -10.97 -19.35 -41.59
CA GLU K 27 -11.51 -18.05 -41.20
C GLU K 27 -11.96 -17.28 -42.43
N GLU K 28 -11.24 -17.43 -43.52
CA GLU K 28 -11.57 -16.77 -44.77
C GLU K 28 -12.91 -17.28 -45.28
N PHE K 29 -13.08 -18.61 -45.28
CA PHE K 29 -14.31 -19.22 -45.72
C PHE K 29 -15.50 -18.77 -44.88
N ARG K 30 -15.30 -18.61 -43.58
CA ARG K 30 -16.42 -18.19 -42.75
C ARG K 30 -16.73 -16.69 -42.88
N ASN K 31 -15.82 -15.89 -43.46
CA ASN K 31 -16.07 -14.48 -43.70
C ASN K 31 -16.63 -14.21 -45.10
N LYS K 32 -16.27 -15.04 -46.08
CA LYS K 32 -16.85 -15.01 -47.42
C LYS K 32 -18.29 -15.49 -47.41
N ASP L 2 -21.90 -49.41 -18.71
CA ASP L 2 -21.49 -48.17 -18.06
C ASP L 2 -21.38 -47.01 -19.07
N ASN L 3 -22.49 -46.76 -19.76
CA ASN L 3 -22.55 -45.68 -20.75
C ASN L 3 -22.34 -44.30 -20.14
N ILE L 4 -21.44 -43.53 -20.76
CA ILE L 4 -21.11 -42.16 -20.37
C ILE L 4 -21.26 -41.22 -21.56
N PHE L 5 -20.66 -41.59 -22.70
CA PHE L 5 -20.65 -40.80 -23.93
C PHE L 5 -21.31 -41.49 -25.12
N VAL L 6 -21.31 -42.81 -25.16
CA VAL L 6 -22.07 -43.57 -26.15
C VAL L 6 -23.39 -43.98 -25.51
N LYS L 7 -24.48 -43.81 -26.25
CA LYS L 7 -25.81 -44.15 -25.78
C LYS L 7 -26.05 -45.66 -25.88
N PRO L 8 -26.91 -46.22 -25.03
CA PRO L 8 -27.13 -47.68 -25.04
C PRO L 8 -27.76 -48.11 -26.36
N GLY L 9 -27.09 -49.03 -27.06
CA GLY L 9 -27.59 -49.47 -28.35
C GLY L 9 -27.34 -48.52 -29.50
N GLU L 10 -26.42 -47.55 -29.34
CA GLU L 10 -26.14 -46.60 -30.41
C GLU L 10 -25.40 -47.27 -31.57
N ASP L 11 -25.79 -46.92 -32.79
CA ASP L 11 -25.26 -47.51 -34.02
C ASP L 11 -24.14 -46.62 -34.56
N LEU L 12 -22.89 -47.06 -34.39
CA LEU L 12 -21.72 -46.30 -34.78
C LEU L 12 -20.95 -46.91 -35.96
N GLU L 13 -21.51 -47.89 -36.64
CA GLU L 13 -20.87 -48.46 -37.81
C GLU L 13 -21.41 -47.77 -39.07
N ILE L 14 -20.52 -47.57 -40.03
CA ILE L 14 -20.85 -46.82 -41.24
C ILE L 14 -21.02 -47.81 -42.37
N PRO L 15 -22.16 -47.80 -43.08
CA PRO L 15 -22.30 -48.65 -44.26
C PRO L 15 -21.17 -48.41 -45.26
N LEU L 16 -20.70 -49.50 -45.88
CA LEU L 16 -19.89 -49.31 -47.07
C LEU L 16 -20.78 -48.70 -48.17
N LEU L 17 -20.15 -48.17 -49.19
CA LEU L 17 -20.93 -47.56 -50.25
C LEU L 17 -21.54 -48.60 -51.22
N SER L 18 -21.67 -49.85 -50.76
CA SER L 18 -22.34 -50.95 -51.47
C SER L 18 -21.81 -51.19 -52.87
ZN ZN M . 1.91 30.95 41.82
ZN ZN N . -0.76 -6.32 12.56
ZN ZN O . -14.28 1.88 -15.42
ZN ZN P . 13.56 -27.33 -40.42
#